data_4PFY
#
_entry.id   4PFY
#
_cell.length_a   96.638
_cell.length_b   53.600
_cell.length_c   106.269
_cell.angle_alpha   90.00
_cell.angle_beta   110.51
_cell.angle_gamma   90.00
#
_symmetry.space_group_name_H-M   'P 1 21 1'
#
loop_
_entity.id
_entity.type
_entity.pdbx_description
1 polymer 'ABC transporter substrate-binding protein'
2 branched beta-D-mannopyranose-(1-4)-beta-D-mannopyranose-(1-4)-beta-D-mannopyranose-(1-4)-beta-D-mannopyranose-(1-4)-beta-D-mannopyranose-(1-4)-beta-D-mannopyranose
3 non-polymer 'MAGNESIUM ION'
4 non-polymer 'NITRATE ION'
5 water water
#
_entity_poly.entity_id   1
_entity_poly.type   'polypeptide(L)'
_entity_poly.pdbx_seq_one_letter_code
;MTFERNKTLYWGGALWSPPSNWNPFTPWNAVAGTIGLVYEPLFLYDPLNDKFEPWLAEKGEWVSNNEYVLTLRKGLRWQD
GVPLTADDVVFTFEIAKKYTGISYSPVWNWLGRIERVDERTLKFVFSDPRYQEWKQMLINTPIVPKHIWENKTEEEVLQA
ANENPVGSGPYYVESWADDRCVFKKNGNWWGIRELGYDPKPERIVELRVLSNNVAVGMLMKGELDWSNFFLPGVPVLKKA
YGIVTWYENAPYMLPANTAGIYINVNKYPLSIPEFRRAMAYAINPEKIVTRAYENMVTAANPAGILPLPGYMKYYPKEVV
DKYGFKYDPEMAKKILDELGFKDVNKDGFREDPNGKPFKLTIECPYGWTDWMVSIQSIAEDLVKVGINVEPKYPDYSKYA
DDLYGGKFDLILNNFTTGVSATIWSYFNGVFYPDAVESEYSYSGNFGKYANPEVETLLDELNRSNDDAKIKEVVAKLSEI
LLKDLPFIPLWYNGAWFQASEAVWTNWPTEKNPYAVPIGWNGWWQLTGIKTLFGIEAKHHHHHH
;
_entity_poly.pdbx_strand_id   A,B
#
loop_
_chem_comp.id
_chem_comp.type
_chem_comp.name
_chem_comp.formula
BMA D-saccharide, beta linking beta-D-mannopyranose 'C6 H12 O6'
MG non-polymer 'MAGNESIUM ION' 'Mg 2'
NO3 non-polymer 'NITRATE ION' 'N O3 -1'
#
# COMPACT_ATOMS: atom_id res chain seq x y z
N THR A 2 7.03 23.71 6.52
CA THR A 2 5.71 23.30 6.03
C THR A 2 5.40 24.09 4.76
N PHE A 3 4.59 23.51 3.87
CA PHE A 3 4.22 24.19 2.64
C PHE A 3 3.14 25.22 2.92
N GLU A 4 3.37 26.44 2.44
CA GLU A 4 2.36 27.50 2.59
C GLU A 4 1.11 27.10 1.79
N ARG A 5 -0.04 27.21 2.42
CA ARG A 5 -1.25 26.59 1.86
C ARG A 5 -1.68 27.21 0.56
N ASN A 6 -1.55 28.53 0.43
CA ASN A 6 -2.06 29.21 -0.73
C ASN A 6 -1.14 29.20 -1.93
N LYS A 7 0.01 28.52 -1.81
CA LYS A 7 0.92 28.37 -2.93
C LYS A 7 1.08 26.89 -3.27
N THR A 8 0.32 26.04 -2.58
CA THR A 8 0.44 24.59 -2.73
C THR A 8 -0.86 24.00 -3.25
N LEU A 9 -0.74 23.18 -4.31
CA LEU A 9 -1.90 22.53 -4.92
C LEU A 9 -1.87 21.04 -4.57
N TYR A 10 -2.87 20.58 -3.82
CA TYR A 10 -2.96 19.16 -3.47
C TYR A 10 -3.86 18.45 -4.47
N TRP A 11 -3.30 17.41 -5.11
CA TRP A 11 -3.92 16.79 -6.27
C TRP A 11 -3.82 15.28 -6.13
N GLY A 12 -4.86 14.56 -6.51
CA GLY A 12 -4.79 13.12 -6.52
C GLY A 12 -5.70 12.53 -7.54
N GLY A 13 -5.60 11.21 -7.69
CA GLY A 13 -6.46 10.45 -8.60
C GLY A 13 -5.68 9.54 -9.53
N ALA A 14 -4.37 9.74 -9.59
CA ALA A 14 -3.53 9.01 -10.54
C ALA A 14 -2.38 8.25 -9.90
N LEU A 15 -2.25 8.32 -8.57
CA LEU A 15 -1.08 7.70 -7.91
C LEU A 15 -1.56 6.52 -7.07
N TRP A 16 -1.39 5.31 -7.65
CA TRP A 16 -1.98 4.11 -7.09
C TRP A 16 -0.91 3.09 -6.74
N SER A 17 0.31 3.58 -6.64
N SER A 17 0.31 3.59 -6.66
N SER A 17 0.31 3.59 -6.61
CA SER A 17 1.44 2.76 -6.18
CA SER A 17 1.47 2.81 -6.23
CA SER A 17 1.48 2.80 -6.25
C SER A 17 2.45 3.71 -5.56
C SER A 17 2.40 3.75 -5.48
C SER A 17 2.44 3.74 -5.53
N PRO A 18 3.29 3.21 -4.65
CA PRO A 18 4.27 4.11 -4.01
C PRO A 18 5.17 4.73 -5.08
N PRO A 19 5.39 6.04 -5.02
CA PRO A 19 6.23 6.67 -6.05
C PRO A 19 7.67 6.16 -5.99
N SER A 20 8.15 5.61 -7.11
CA SER A 20 9.50 5.05 -7.13
C SER A 20 10.16 5.14 -8.50
N ASN A 21 9.42 5.61 -9.50
CA ASN A 21 9.91 5.64 -10.86
C ASN A 21 9.45 6.91 -11.57
N TRP A 22 10.38 7.56 -12.27
CA TRP A 22 10.09 8.76 -13.08
C TRP A 22 10.72 8.63 -14.45
N ASN A 23 10.73 7.41 -14.96
CA ASN A 23 11.38 7.12 -16.25
C ASN A 23 10.44 7.42 -17.42
N PRO A 24 10.81 8.40 -18.28
CA PRO A 24 9.90 8.79 -19.35
C PRO A 24 9.76 7.71 -20.43
N PHE A 25 10.64 6.72 -20.43
CA PHE A 25 10.53 5.63 -21.38
C PHE A 25 9.51 4.57 -20.95
N THR A 26 9.10 4.64 -19.69
CA THR A 26 8.13 3.68 -19.16
C THR A 26 6.99 4.40 -18.42
N PRO A 27 6.19 5.20 -19.14
CA PRO A 27 5.17 5.99 -18.47
C PRO A 27 4.13 5.16 -17.73
N TRP A 28 4.01 3.86 -18.06
CA TRP A 28 3.11 2.96 -17.34
C TRP A 28 3.52 2.77 -15.90
N ASN A 29 4.80 2.96 -15.62
CA ASN A 29 5.30 2.77 -14.27
C ASN A 29 5.68 4.10 -13.60
N ALA A 30 5.87 5.15 -14.39
CA ALA A 30 6.30 6.44 -13.86
C ALA A 30 5.18 7.13 -13.09
N VAL A 31 5.54 7.88 -12.05
CA VAL A 31 4.60 8.74 -11.33
C VAL A 31 3.84 9.65 -12.30
N ALA A 32 2.51 9.64 -12.22
CA ALA A 32 1.72 10.51 -13.10
C ALA A 32 2.18 11.94 -13.01
N GLY A 33 2.35 12.57 -14.16
CA GLY A 33 2.93 13.91 -14.18
C GLY A 33 4.34 13.90 -14.67
N THR A 34 5.00 12.75 -14.58
CA THR A 34 6.34 12.61 -15.20
C THR A 34 6.26 13.08 -16.66
N ILE A 35 5.21 12.67 -17.35
CA ILE A 35 4.94 13.19 -18.66
C ILE A 35 3.95 14.31 -18.49
N GLY A 36 4.41 15.53 -18.73
CA GLY A 36 3.56 16.71 -18.59
C GLY A 36 4.19 17.77 -17.73
N LEU A 37 4.36 17.47 -16.44
CA LEU A 37 5.04 18.38 -15.52
C LEU A 37 6.55 18.42 -15.75
N VAL A 38 7.13 17.25 -16.05
CA VAL A 38 8.60 17.12 -16.10
C VAL A 38 9.08 17.00 -17.55
N TYR A 39 8.61 15.98 -18.27
CA TYR A 39 8.98 15.81 -19.67
C TYR A 39 7.84 16.30 -20.55
N GLU A 40 8.20 16.92 -21.66
CA GLU A 40 7.21 17.63 -22.49
C GLU A 40 7.11 17.07 -23.90
N PRO A 41 5.94 17.27 -24.53
CA PRO A 41 5.71 16.84 -25.90
C PRO A 41 5.93 17.97 -26.91
N LEU A 42 6.01 17.60 -28.18
CA LEU A 42 6.10 18.61 -29.25
C LEU A 42 4.84 19.43 -29.35
N PHE A 43 3.68 18.81 -29.17
CA PHE A 43 2.36 19.45 -29.27
C PHE A 43 1.45 19.00 -28.14
N LEU A 44 0.50 19.86 -27.79
CA LEU A 44 -0.73 19.44 -27.09
C LEU A 44 -1.82 19.16 -28.13
N TYR A 45 -2.81 18.37 -27.75
CA TYR A 45 -4.03 18.27 -28.52
C TYR A 45 -5.20 18.67 -27.65
N ASP A 46 -6.01 19.60 -28.16
CA ASP A 46 -7.21 20.05 -27.46
C ASP A 46 -8.41 19.28 -27.96
N PRO A 47 -8.91 18.36 -27.14
CA PRO A 47 -10.03 17.54 -27.56
C PRO A 47 -11.36 18.27 -27.54
N LEU A 48 -11.44 19.40 -26.85
CA LEU A 48 -12.67 20.20 -26.85
C LEU A 48 -12.90 20.84 -28.20
N ASN A 49 -11.83 21.14 -28.91
CA ASN A 49 -11.93 21.93 -30.14
C ASN A 49 -11.23 21.28 -31.33
N ASP A 50 -10.68 20.08 -31.13
CA ASP A 50 -10.04 19.31 -32.20
C ASP A 50 -8.91 20.11 -32.84
N LYS A 51 -7.95 20.52 -32.02
CA LYS A 51 -6.91 21.44 -32.44
C LYS A 51 -5.58 21.10 -31.77
N PHE A 52 -4.49 21.10 -32.55
CA PHE A 52 -3.14 20.95 -31.98
C PHE A 52 -2.62 22.30 -31.52
N GLU A 53 -1.96 22.33 -30.38
CA GLU A 53 -1.25 23.52 -29.90
C GLU A 53 0.22 23.24 -29.88
N PRO A 54 1.00 24.00 -30.66
CA PRO A 54 2.44 23.74 -30.66
C PRO A 54 3.03 24.04 -29.29
N TRP A 55 3.75 23.08 -28.72
CA TRP A 55 4.33 23.23 -27.39
C TRP A 55 5.84 23.46 -27.48
N LEU A 56 6.66 22.40 -27.44
CA LEU A 56 8.08 22.56 -27.75
C LEU A 56 8.21 23.01 -29.20
N ALA A 57 7.34 22.49 -30.06
CA ALA A 57 7.29 22.93 -31.45
C ALA A 57 6.75 24.34 -31.56
N GLU A 58 7.26 25.06 -32.55
CA GLU A 58 6.65 26.32 -32.99
C GLU A 58 5.57 26.02 -34.03
N LYS A 59 5.87 25.07 -34.92
CA LYS A 59 4.94 24.66 -35.98
C LYS A 59 5.31 23.28 -36.53
N GLY A 60 4.35 22.63 -37.17
CA GLY A 60 4.61 21.35 -37.81
C GLY A 60 3.65 21.18 -38.95
N GLU A 61 4.12 20.65 -40.07
CA GLU A 61 3.23 20.42 -41.20
C GLU A 61 3.77 19.37 -42.16
N TRP A 62 2.86 18.65 -42.81
CA TRP A 62 3.21 17.85 -43.96
C TRP A 62 3.47 18.77 -45.14
N VAL A 63 4.70 18.75 -45.67
CA VAL A 63 5.03 19.56 -46.86
C VAL A 63 4.94 18.74 -48.14
N SER A 64 4.75 17.44 -48.00
CA SER A 64 4.50 16.53 -49.10
C SER A 64 3.78 15.30 -48.53
N ASN A 65 3.42 14.37 -49.40
N ASN A 65 3.43 14.36 -49.40
CA ASN A 65 2.73 13.15 -48.95
CA ASN A 65 2.74 13.15 -48.94
C ASN A 65 3.55 12.34 -47.93
C ASN A 65 3.55 12.40 -47.89
N ASN A 66 4.88 12.45 -47.97
CA ASN A 66 5.73 11.67 -47.06
C ASN A 66 6.79 12.44 -46.27
N GLU A 67 6.67 13.75 -46.21
CA GLU A 67 7.63 14.58 -45.47
C GLU A 67 6.90 15.50 -44.51
N TYR A 68 7.26 15.40 -43.22
CA TYR A 68 6.72 16.27 -42.20
C TYR A 68 7.81 17.19 -41.67
N VAL A 69 7.62 18.51 -41.82
CA VAL A 69 8.61 19.46 -41.33
C VAL A 69 8.22 20.01 -39.98
N LEU A 70 9.10 19.81 -39.01
CA LEU A 70 8.95 20.24 -37.63
C LEU A 70 9.86 21.40 -37.36
N THR A 71 9.30 22.53 -36.92
CA THR A 71 10.11 23.68 -36.51
C THR A 71 10.03 23.83 -34.98
N LEU A 72 11.17 23.79 -34.31
CA LEU A 72 11.20 23.98 -32.85
C LEU A 72 11.25 25.45 -32.47
N ARG A 73 10.64 25.78 -31.35
CA ARG A 73 10.77 27.13 -30.82
C ARG A 73 12.21 27.41 -30.44
N LYS A 74 12.57 28.67 -30.47
CA LYS A 74 13.79 29.16 -29.85
C LYS A 74 13.68 29.21 -28.33
N GLY A 75 14.82 29.14 -27.68
CA GLY A 75 14.87 29.42 -26.25
C GLY A 75 14.36 28.28 -25.36
N LEU A 76 14.32 27.08 -25.90
CA LEU A 76 13.92 25.92 -25.11
C LEU A 76 15.08 25.48 -24.23
N ARG A 77 14.80 24.98 -23.05
CA ARG A 77 15.86 24.70 -22.09
C ARG A 77 15.47 23.56 -21.16
N TRP A 78 16.41 22.66 -20.93
CA TRP A 78 16.29 21.64 -19.90
C TRP A 78 16.37 22.25 -18.51
N GLN A 79 15.88 21.52 -17.52
CA GLN A 79 15.87 22.01 -16.14
C GLN A 79 17.26 22.20 -15.55
N ASP A 80 18.27 21.61 -16.17
CA ASP A 80 19.66 21.79 -15.72
C ASP A 80 20.35 22.92 -16.48
N GLY A 81 19.60 23.67 -17.26
CA GLY A 81 20.12 24.83 -17.95
C GLY A 81 20.63 24.57 -19.37
N VAL A 82 20.81 23.30 -19.71
CA VAL A 82 21.31 22.95 -21.04
C VAL A 82 20.23 23.26 -22.07
N PRO A 83 20.58 23.92 -23.18
CA PRO A 83 19.57 24.17 -24.21
C PRO A 83 18.90 22.89 -24.69
N LEU A 84 17.59 22.96 -24.89
CA LEU A 84 16.86 21.89 -25.56
C LEU A 84 16.78 22.28 -27.03
N THR A 85 17.32 21.41 -27.88
CA THR A 85 17.37 21.71 -29.31
C THR A 85 16.86 20.55 -30.16
N ALA A 86 16.89 20.76 -31.47
CA ALA A 86 16.51 19.71 -32.41
C ALA A 86 17.34 18.44 -32.21
N ASP A 87 18.58 18.59 -31.72
CA ASP A 87 19.42 17.45 -31.35
C ASP A 87 18.68 16.49 -30.42
N ASP A 88 17.93 17.03 -29.47
CA ASP A 88 17.23 16.20 -28.50
C ASP A 88 16.04 15.50 -29.12
N VAL A 89 15.38 16.17 -30.05
CA VAL A 89 14.26 15.54 -30.73
C VAL A 89 14.74 14.40 -31.62
N VAL A 90 15.81 14.65 -32.38
CA VAL A 90 16.40 13.59 -33.18
C VAL A 90 16.79 12.39 -32.31
N PHE A 91 17.48 12.67 -31.19
CA PHE A 91 17.89 11.62 -30.26
C PHE A 91 16.69 10.85 -29.70
N THR A 92 15.63 11.56 -29.32
CA THR A 92 14.45 10.90 -28.76
C THR A 92 13.92 9.84 -29.70
N PHE A 93 13.95 10.13 -31.01
CA PHE A 93 13.52 9.14 -31.98
C PHE A 93 14.59 8.09 -32.26
N GLU A 94 15.81 8.53 -32.49
CA GLU A 94 16.86 7.62 -32.92
C GLU A 94 17.32 6.63 -31.85
N ILE A 95 17.14 6.97 -30.57
CA ILE A 95 17.52 6.00 -29.54
C ILE A 95 16.72 4.72 -29.68
N ALA A 96 15.52 4.83 -30.23
CA ALA A 96 14.60 3.68 -30.34
C ALA A 96 14.88 2.88 -31.60
N LYS A 97 15.70 3.42 -32.48
CA LYS A 97 16.13 2.65 -33.65
C LYS A 97 17.16 1.63 -33.18
N LYS A 98 18.05 2.12 -32.33
N LYS A 98 18.06 2.07 -32.31
CA LYS A 98 19.12 1.34 -31.75
CA LYS A 98 19.11 1.21 -31.82
C LYS A 98 18.61 0.35 -30.71
C LYS A 98 18.66 0.33 -30.66
N TYR A 99 17.74 0.84 -29.83
CA TYR A 99 17.21 0.07 -28.71
C TYR A 99 15.76 -0.35 -28.96
N THR A 100 15.56 -1.52 -29.53
CA THR A 100 14.24 -1.97 -29.94
C THR A 100 13.29 -2.24 -28.77
N GLY A 101 13.84 -2.39 -27.56
CA GLY A 101 13.03 -2.60 -26.39
C GLY A 101 12.18 -1.39 -25.98
N ILE A 102 12.57 -0.21 -26.47
CA ILE A 102 11.80 1.02 -26.22
C ILE A 102 10.46 0.93 -26.92
N SER A 103 9.40 1.32 -26.23
CA SER A 103 8.05 1.04 -26.67
C SER A 103 7.69 1.59 -28.04
N TYR A 104 8.27 2.74 -28.42
CA TYR A 104 7.91 3.33 -29.69
C TYR A 104 8.92 3.01 -30.81
N SER A 105 9.80 2.03 -30.56
N SER A 105 9.80 2.04 -30.55
CA SER A 105 10.75 1.58 -31.60
CA SER A 105 10.73 1.55 -31.58
C SER A 105 10.12 1.19 -32.95
C SER A 105 10.11 1.21 -32.95
N PRO A 106 8.88 0.64 -32.97
CA PRO A 106 8.29 0.36 -34.29
C PRO A 106 8.06 1.57 -35.20
N VAL A 107 8.23 2.79 -34.70
CA VAL A 107 8.12 3.97 -35.55
C VAL A 107 9.07 3.83 -36.76
N TRP A 108 10.19 3.12 -36.56
CA TRP A 108 11.22 3.04 -37.61
C TRP A 108 10.85 2.04 -38.70
N ASN A 109 9.72 1.38 -38.57
CA ASN A 109 9.18 0.55 -39.65
C ASN A 109 8.53 1.42 -40.72
N TRP A 110 8.23 2.67 -40.40
CA TRP A 110 7.55 3.52 -41.36
C TRP A 110 8.18 4.90 -41.49
N LEU A 111 8.94 5.31 -40.47
CA LEU A 111 9.80 6.49 -40.58
C LEU A 111 11.13 6.07 -41.17
N GLY A 112 11.60 6.79 -42.20
CA GLY A 112 12.87 6.45 -42.84
C GLY A 112 14.04 7.19 -42.23
N ARG A 113 13.90 8.50 -42.10
CA ARG A 113 15.04 9.31 -41.61
C ARG A 113 14.53 10.65 -41.11
N ILE A 114 15.38 11.31 -40.33
CA ILE A 114 15.08 12.64 -39.83
C ILE A 114 16.17 13.61 -40.27
N GLU A 115 15.88 14.43 -41.27
CA GLU A 115 16.89 15.36 -41.79
C GLU A 115 16.97 16.62 -40.96
N ARG A 116 18.19 17.10 -40.73
CA ARG A 116 18.41 18.40 -40.09
C ARG A 116 18.40 19.48 -41.16
N VAL A 117 17.38 20.33 -41.17
CA VAL A 117 17.23 21.35 -42.23
C VAL A 117 18.01 22.60 -41.89
N ASP A 118 17.83 23.07 -40.67
CA ASP A 118 18.64 24.16 -40.13
C ASP A 118 18.72 23.97 -38.62
N GLU A 119 19.11 25.02 -37.91
CA GLU A 119 19.31 24.91 -36.46
C GLU A 119 18.09 24.37 -35.71
N ARG A 120 16.89 24.80 -36.10
CA ARG A 120 15.73 24.38 -35.34
C ARG A 120 14.67 23.66 -36.16
N THR A 121 15.03 23.21 -37.37
CA THR A 121 14.06 22.56 -38.25
C THR A 121 14.48 21.16 -38.63
N LEU A 122 13.54 20.21 -38.49
CA LEU A 122 13.72 18.81 -38.85
C LEU A 122 12.73 18.40 -39.93
N LYS A 123 13.18 17.57 -40.87
CA LYS A 123 12.26 17.01 -41.84
C LYS A 123 12.21 15.51 -41.65
N PHE A 124 11.07 15.03 -41.16
CA PHE A 124 10.80 13.62 -41.02
C PHE A 124 10.37 13.06 -42.36
N VAL A 125 11.12 12.09 -42.88
CA VAL A 125 10.84 11.48 -44.18
C VAL A 125 10.38 10.05 -43.96
N PHE A 126 9.16 9.75 -44.41
CA PHE A 126 8.53 8.45 -44.15
C PHE A 126 8.55 7.50 -45.35
N SER A 127 8.89 6.24 -45.08
CA SER A 127 8.76 5.19 -46.10
C SER A 127 7.30 4.80 -46.24
N ASP A 128 6.52 5.04 -45.17
CA ASP A 128 5.11 4.67 -45.12
C ASP A 128 4.40 5.69 -44.23
N PRO A 129 3.79 6.72 -44.84
CA PRO A 129 3.20 7.82 -44.05
C PRO A 129 1.92 7.43 -43.33
N ARG A 130 2.07 7.05 -42.06
CA ARG A 130 0.96 6.66 -41.22
C ARG A 130 0.41 7.88 -40.52
N TYR A 131 -0.44 8.64 -41.21
CA TYR A 131 -0.88 9.95 -40.74
C TYR A 131 -1.58 9.92 -39.39
N GLN A 132 -2.42 8.93 -39.18
CA GLN A 132 -3.21 8.92 -37.95
C GLN A 132 -2.31 8.65 -36.74
N GLU A 133 -1.47 7.64 -36.84
CA GLU A 133 -0.54 7.28 -35.80
C GLU A 133 0.47 8.39 -35.53
N TRP A 134 0.86 9.13 -36.56
CA TRP A 134 1.79 10.24 -36.40
C TRP A 134 1.18 11.34 -35.52
N LYS A 135 -0.13 11.58 -35.69
CA LYS A 135 -0.83 12.57 -34.85
C LYS A 135 -0.62 12.23 -33.37
N GLN A 136 -0.77 10.96 -33.05
CA GLN A 136 -0.61 10.52 -31.66
C GLN A 136 0.84 10.66 -31.19
N MET A 137 1.81 10.35 -32.07
CA MET A 137 3.22 10.49 -31.67
C MET A 137 3.56 11.93 -31.34
N LEU A 138 2.97 12.88 -32.06
CA LEU A 138 3.29 14.28 -31.86
C LEU A 138 2.90 14.78 -30.46
N ILE A 139 1.85 14.20 -29.87
CA ILE A 139 1.41 14.62 -28.54
C ILE A 139 1.86 13.67 -27.42
N ASN A 140 2.21 12.44 -27.76
CA ASN A 140 2.50 11.43 -26.74
C ASN A 140 3.98 11.12 -26.52
N THR A 141 4.84 11.47 -27.46
CA THR A 141 6.26 11.14 -27.32
C THR A 141 6.97 12.19 -26.52
N PRO A 142 7.43 11.85 -25.32
CA PRO A 142 8.15 12.90 -24.56
C PRO A 142 9.55 13.09 -25.11
N ILE A 143 9.97 14.34 -25.15
CA ILE A 143 11.32 14.65 -25.60
C ILE A 143 12.27 14.53 -24.41
N VAL A 144 13.33 13.73 -24.59
CA VAL A 144 14.30 13.44 -23.53
C VAL A 144 15.66 14.02 -23.86
N PRO A 145 16.48 14.28 -22.82
CA PRO A 145 17.74 14.98 -23.06
C PRO A 145 18.87 14.07 -23.50
N LYS A 146 19.38 14.31 -24.70
CA LYS A 146 20.51 13.55 -25.24
C LYS A 146 21.70 13.51 -24.27
N HIS A 147 22.01 14.66 -23.66
CA HIS A 147 23.21 14.77 -22.83
C HIS A 147 23.14 13.95 -21.55
N ILE A 148 21.95 13.53 -21.17
CA ILE A 148 21.77 12.66 -20.01
C ILE A 148 21.65 11.18 -20.37
N TRP A 149 20.94 10.87 -21.46
CA TRP A 149 20.58 9.49 -21.78
C TRP A 149 21.48 8.79 -22.82
N GLU A 150 22.28 9.54 -23.56
CA GLU A 150 22.94 8.95 -24.74
C GLU A 150 23.99 7.88 -24.45
N ASN A 151 24.51 7.83 -23.25
CA ASN A 151 25.55 6.80 -23.02
C ASN A 151 25.03 5.60 -22.24
N LYS A 152 23.73 5.60 -21.94
CA LYS A 152 23.12 4.50 -21.21
C LYS A 152 22.89 3.29 -22.11
N THR A 153 23.03 2.08 -21.54
CA THR A 153 22.65 0.88 -22.25
C THR A 153 21.13 0.78 -22.27
N GLU A 154 20.61 -0.09 -23.10
N GLU A 154 20.59 -0.11 -23.09
CA GLU A 154 19.18 -0.34 -23.20
CA GLU A 154 19.15 -0.29 -23.16
C GLU A 154 18.60 -0.74 -21.84
C GLU A 154 18.58 -0.75 -21.82
N GLU A 155 19.29 -1.64 -21.14
CA GLU A 155 18.85 -2.07 -19.81
C GLU A 155 18.80 -0.86 -18.88
N GLU A 156 19.82 -0.01 -18.96
CA GLU A 156 19.84 1.21 -18.17
C GLU A 156 18.67 2.13 -18.51
N VAL A 157 18.40 2.32 -19.80
CA VAL A 157 17.31 3.14 -20.24
C VAL A 157 15.96 2.63 -19.76
N LEU A 158 15.75 1.33 -19.85
CA LEU A 158 14.43 0.77 -19.56
C LEU A 158 14.17 0.52 -18.07
N GLN A 159 15.24 0.27 -17.30
N GLN A 159 15.24 0.27 -17.32
CA GLN A 159 15.07 -0.13 -15.90
CA GLN A 159 15.11 -0.14 -15.92
C GLN A 159 15.56 0.90 -14.90
C GLN A 159 15.28 1.01 -14.94
N ALA A 160 15.97 2.07 -15.37
CA ALA A 160 16.35 3.17 -14.46
C ALA A 160 15.14 3.74 -13.73
N ALA A 161 15.27 3.91 -12.41
CA ALA A 161 14.18 4.56 -11.69
C ALA A 161 14.12 6.04 -12.03
N ASN A 162 15.25 6.60 -12.44
CA ASN A 162 15.33 8.02 -12.83
C ASN A 162 14.84 8.94 -11.74
N GLU A 163 15.31 8.72 -10.51
CA GLU A 163 15.04 9.66 -9.43
C GLU A 163 15.57 11.03 -9.76
N ASN A 164 14.90 12.06 -9.24
CA ASN A 164 15.27 13.44 -9.54
C ASN A 164 15.36 13.68 -11.04
N PRO A 165 14.29 13.35 -11.77
CA PRO A 165 14.32 13.45 -13.22
C PRO A 165 14.65 14.84 -13.73
N VAL A 166 15.49 14.91 -14.79
CA VAL A 166 15.77 16.19 -15.42
C VAL A 166 14.98 16.29 -16.71
N GLY A 167 13.86 17.03 -16.65
CA GLY A 167 13.05 17.27 -17.83
C GLY A 167 13.19 18.71 -18.28
N SER A 168 12.26 19.15 -19.13
CA SER A 168 12.24 20.55 -19.56
C SER A 168 10.98 21.28 -19.06
N GLY A 169 10.16 20.59 -18.29
CA GLY A 169 8.85 21.09 -17.92
C GLY A 169 8.82 22.07 -16.76
N PRO A 170 7.61 22.54 -16.43
CA PRO A 170 7.45 23.62 -15.43
C PRO A 170 7.68 23.14 -13.98
N TYR A 171 7.73 21.83 -13.73
CA TYR A 171 7.98 21.33 -12.37
C TYR A 171 9.06 20.27 -12.34
N TYR A 172 9.84 20.25 -11.26
CA TYR A 172 10.73 19.14 -10.98
C TYR A 172 10.28 18.43 -9.72
N VAL A 173 10.90 17.29 -9.42
CA VAL A 173 10.54 16.55 -8.20
C VAL A 173 11.36 17.01 -7.04
N GLU A 174 10.70 17.53 -6.02
CA GLU A 174 11.40 17.98 -4.80
C GLU A 174 11.63 16.85 -3.80
N SER A 175 10.62 16.02 -3.61
CA SER A 175 10.69 14.96 -2.62
C SER A 175 9.59 13.96 -2.88
N TRP A 176 9.67 12.79 -2.26
CA TRP A 176 8.60 11.79 -2.37
C TRP A 176 8.67 10.84 -1.19
N ALA A 177 7.58 10.11 -0.97
CA ALA A 177 7.45 9.16 0.12
C ALA A 177 6.34 8.21 -0.27
N ASP A 178 6.07 7.25 0.61
CA ASP A 178 5.13 6.17 0.33
C ASP A 178 3.75 6.70 -0.14
N ASP A 179 3.34 7.85 0.40
CA ASP A 179 2.01 8.41 0.08
C ASP A 179 1.97 9.68 -0.76
N ARG A 180 3.08 10.13 -1.35
CA ARG A 180 3.05 11.41 -2.07
C ARG A 180 4.28 11.62 -2.94
N CYS A 181 4.09 12.39 -3.99
CA CYS A 181 5.22 12.95 -4.75
C CYS A 181 5.07 14.44 -4.79
N VAL A 182 6.09 15.17 -4.34
CA VAL A 182 6.02 16.62 -4.30
C VAL A 182 6.77 17.22 -5.46
N PHE A 183 6.03 17.91 -6.33
CA PHE A 183 6.59 18.65 -7.45
C PHE A 183 6.79 20.11 -7.07
N LYS A 184 7.94 20.67 -7.47
CA LYS A 184 8.26 22.07 -7.16
C LYS A 184 8.42 22.85 -8.47
N LYS A 185 7.88 24.08 -8.50
CA LYS A 185 7.96 24.93 -9.67
C LYS A 185 9.39 25.31 -10.07
N ASN A 186 9.71 25.10 -11.35
CA ASN A 186 10.94 25.67 -11.93
C ASN A 186 10.70 27.11 -12.32
N GLY A 187 11.23 28.03 -11.52
CA GLY A 187 11.06 29.44 -11.78
C GLY A 187 11.67 29.88 -13.10
N ASN A 188 12.58 29.08 -13.60
CA ASN A 188 13.26 29.38 -14.86
C ASN A 188 12.68 28.62 -16.05
N TRP A 189 11.48 28.06 -15.90
CA TRP A 189 10.89 27.26 -16.97
C TRP A 189 10.80 28.08 -18.24
N TRP A 190 11.31 27.52 -19.34
CA TRP A 190 11.38 28.22 -20.62
C TRP A 190 10.02 28.73 -21.06
N GLY A 191 8.96 28.04 -20.66
CA GLY A 191 7.61 28.39 -21.10
C GLY A 191 7.14 29.74 -20.59
N ILE A 192 7.68 30.19 -19.48
CA ILE A 192 7.27 31.49 -18.93
C ILE A 192 7.57 32.60 -19.93
N ARG A 193 8.82 32.68 -20.36
CA ARG A 193 9.23 33.68 -21.35
C ARG A 193 8.66 33.38 -22.74
N GLU A 194 8.77 32.12 -23.19
CA GLU A 194 8.52 31.83 -24.59
C GLU A 194 7.04 31.61 -24.94
N LEU A 195 6.26 31.13 -23.98
CA LEU A 195 4.83 30.89 -24.20
C LEU A 195 3.94 31.90 -23.49
N GLY A 196 4.48 32.57 -22.47
CA GLY A 196 3.70 33.46 -21.65
C GLY A 196 2.77 32.75 -20.69
N TYR A 197 3.01 31.45 -20.47
CA TYR A 197 2.31 30.69 -19.46
C TYR A 197 3.11 30.68 -18.16
N ASP A 198 2.45 31.04 -17.04
N ASP A 198 2.43 31.06 -17.06
CA ASP A 198 3.13 31.03 -15.75
CA ASP A 198 3.04 31.03 -15.73
C ASP A 198 2.35 30.18 -14.76
C ASP A 198 2.26 30.12 -14.82
N PRO A 199 2.85 28.97 -14.44
CA PRO A 199 2.12 28.07 -13.53
C PRO A 199 2.03 28.69 -12.14
N LYS A 200 0.84 28.65 -11.57
CA LYS A 200 0.62 29.37 -10.34
C LYS A 200 1.10 28.64 -9.08
N PRO A 201 0.85 27.32 -8.96
CA PRO A 201 1.31 26.69 -7.73
C PRO A 201 2.83 26.64 -7.60
N GLU A 202 3.32 26.95 -6.41
CA GLU A 202 4.75 26.79 -6.16
C GLU A 202 5.09 25.32 -5.99
N ARG A 203 4.14 24.57 -5.47
CA ARG A 203 4.29 23.13 -5.30
C ARG A 203 2.98 22.45 -5.69
N ILE A 204 3.12 21.29 -6.30
CA ILE A 204 2.00 20.39 -6.54
C ILE A 204 2.29 19.13 -5.76
N VAL A 205 1.45 18.82 -4.77
CA VAL A 205 1.62 17.63 -3.99
C VAL A 205 0.66 16.58 -4.51
N GLU A 206 1.22 15.57 -5.17
CA GLU A 206 0.44 14.46 -5.69
C GLU A 206 0.25 13.42 -4.60
N LEU A 207 -0.99 13.24 -4.14
CA LEU A 207 -1.32 12.36 -3.04
C LEU A 207 -1.74 10.97 -3.47
N ARG A 208 -1.28 9.96 -2.73
CA ARG A 208 -1.73 8.57 -2.87
C ARG A 208 -2.65 8.16 -1.72
N VAL A 209 -3.75 7.51 -2.06
CA VAL A 209 -4.64 6.88 -1.10
C VAL A 209 -4.86 5.43 -1.53
N LEU A 210 -5.36 4.59 -0.61
CA LEU A 210 -5.54 3.18 -0.92
C LEU A 210 -6.91 2.91 -1.54
N SER A 211 -7.83 3.86 -1.36
N SER A 211 -7.81 3.88 -1.42
CA SER A 211 -9.17 3.74 -1.92
CA SER A 211 -9.11 3.75 -2.03
C SER A 211 -9.81 5.11 -2.15
C SER A 211 -9.75 5.12 -2.20
N ASN A 212 -10.70 5.21 -3.14
CA ASN A 212 -11.45 6.45 -3.34
C ASN A 212 -12.14 6.92 -2.05
N ASN A 213 -12.52 5.97 -1.20
CA ASN A 213 -13.18 6.28 0.08
C ASN A 213 -12.41 7.35 0.86
N VAL A 214 -11.09 7.26 0.83
CA VAL A 214 -10.22 8.14 1.59
C VAL A 214 -10.22 9.54 1.02
N ALA A 215 -10.35 9.63 -0.30
CA ALA A 215 -10.26 10.92 -0.97
C ALA A 215 -11.49 11.78 -0.70
N VAL A 216 -12.64 11.13 -0.47
CA VAL A 216 -13.89 11.85 -0.20
C VAL A 216 -13.71 12.84 0.96
N GLY A 217 -13.18 12.36 2.08
CA GLY A 217 -13.03 13.19 3.23
C GLY A 217 -12.00 14.29 3.04
N MET A 218 -10.95 13.98 2.26
CA MET A 218 -9.92 14.97 2.00
C MET A 218 -10.49 16.15 1.22
N LEU A 219 -11.29 15.85 0.19
CA LEU A 219 -11.92 16.90 -0.59
C LEU A 219 -12.91 17.72 0.26
N MET A 220 -13.69 17.03 1.07
CA MET A 220 -14.70 17.67 1.92
C MET A 220 -14.05 18.67 2.88
N LYS A 221 -12.86 18.34 3.36
CA LYS A 221 -12.17 19.14 4.36
C LYS A 221 -11.17 20.11 3.76
N GLY A 222 -11.06 20.09 2.45
CA GLY A 222 -10.14 21.01 1.77
C GLY A 222 -8.69 20.61 1.93
N GLU A 223 -8.45 19.33 2.21
CA GLU A 223 -7.11 18.78 2.26
C GLU A 223 -6.66 18.42 0.84
N LEU A 224 -7.63 18.28 -0.06
CA LEU A 224 -7.40 17.97 -1.45
C LEU A 224 -8.00 19.11 -2.24
N ASP A 225 -7.24 19.67 -3.18
CA ASP A 225 -7.77 20.73 -4.04
C ASP A 225 -8.36 20.19 -5.35
N TRP A 226 -7.59 19.33 -6.01
CA TRP A 226 -7.86 18.87 -7.36
C TRP A 226 -8.03 17.38 -7.34
N SER A 227 -9.25 16.90 -7.56
CA SER A 227 -9.51 15.46 -7.59
C SER A 227 -9.77 14.94 -8.98
N ASN A 228 -8.95 13.96 -9.38
CA ASN A 228 -9.26 13.11 -10.53
C ASN A 228 -9.59 11.71 -10.04
N PHE A 229 -10.10 11.63 -8.82
CA PHE A 229 -10.72 10.40 -8.32
C PHE A 229 -12.16 10.31 -8.77
N PHE A 230 -12.66 9.10 -8.99
CA PHE A 230 -14.10 8.94 -8.94
C PHE A 230 -14.58 9.12 -7.51
N LEU A 231 -15.55 10.01 -7.33
CA LEU A 231 -16.20 10.17 -6.03
C LEU A 231 -17.70 10.05 -6.22
N PRO A 232 -18.36 9.33 -5.31
CA PRO A 232 -19.81 9.22 -5.35
C PRO A 232 -20.47 10.43 -4.68
N GLY A 233 -21.78 10.58 -4.82
CA GLY A 233 -22.50 11.59 -4.06
C GLY A 233 -22.13 13.01 -4.46
N VAL A 234 -21.91 13.20 -5.75
CA VAL A 234 -21.49 14.51 -6.23
C VAL A 234 -22.51 15.62 -5.93
N PRO A 235 -23.83 15.36 -6.07
CA PRO A 235 -24.77 16.44 -5.69
C PRO A 235 -24.57 16.97 -4.28
N VAL A 236 -24.32 16.07 -3.33
CA VAL A 236 -24.04 16.49 -1.95
C VAL A 236 -22.70 17.21 -1.82
N LEU A 237 -21.68 16.72 -2.51
CA LEU A 237 -20.40 17.42 -2.49
C LEU A 237 -20.57 18.86 -2.94
N LYS A 238 -21.34 19.07 -4.01
CA LYS A 238 -21.52 20.40 -4.57
C LYS A 238 -22.36 21.31 -3.66
N LYS A 239 -23.43 20.74 -3.09
CA LYS A 239 -24.34 21.55 -2.27
C LYS A 239 -23.76 21.88 -0.91
N ALA A 240 -23.15 20.89 -0.25
CA ALA A 240 -22.74 21.04 1.15
C ALA A 240 -21.28 21.45 1.31
N TYR A 241 -20.46 21.24 0.28
CA TYR A 241 -19.04 21.51 0.43
C TYR A 241 -18.46 22.41 -0.68
N GLY A 242 -19.32 22.97 -1.51
CA GLY A 242 -18.89 23.95 -2.50
C GLY A 242 -17.99 23.40 -3.59
N ILE A 243 -18.13 22.11 -3.83
CA ILE A 243 -17.27 21.46 -4.82
C ILE A 243 -17.67 21.84 -6.24
N VAL A 244 -16.68 22.03 -7.10
N VAL A 244 -16.71 22.07 -7.11
CA VAL A 244 -16.86 22.42 -8.49
CA VAL A 244 -17.04 22.39 -8.49
C VAL A 244 -16.62 21.22 -9.43
C VAL A 244 -16.69 21.21 -9.39
N THR A 245 -17.40 21.13 -10.51
CA THR A 245 -17.20 20.11 -11.53
C THR A 245 -17.24 20.77 -12.91
N TRP A 246 -16.98 20.00 -13.96
CA TRP A 246 -17.00 20.56 -15.32
C TRP A 246 -18.38 21.08 -15.72
N TYR A 247 -19.38 20.20 -15.65
CA TYR A 247 -20.77 20.60 -15.82
C TYR A 247 -21.35 21.03 -14.48
N GLU A 248 -22.09 22.14 -14.48
CA GLU A 248 -22.71 22.61 -13.26
C GLU A 248 -23.73 21.60 -12.74
N ASN A 249 -24.50 21.01 -13.65
CA ASN A 249 -25.51 20.03 -13.28
C ASN A 249 -25.17 18.65 -13.78
N ALA A 250 -25.99 17.66 -13.43
CA ALA A 250 -25.81 16.30 -13.93
C ALA A 250 -25.69 16.35 -15.44
N PRO A 251 -24.80 15.54 -16.03
CA PRO A 251 -24.03 14.43 -15.44
C PRO A 251 -22.68 14.82 -14.81
N TYR A 252 -22.37 16.12 -14.73
CA TYR A 252 -21.17 16.63 -14.03
C TYR A 252 -19.83 16.37 -14.70
N MET A 253 -19.69 15.21 -15.33
CA MET A 253 -18.41 14.73 -15.88
C MET A 253 -18.43 14.60 -17.40
N LEU A 254 -17.38 15.09 -18.04
CA LEU A 254 -17.08 14.76 -19.42
C LEU A 254 -16.81 13.27 -19.60
N PRO A 255 -17.05 12.73 -20.79
CA PRO A 255 -16.59 11.36 -21.07
C PRO A 255 -15.07 11.34 -21.35
N ALA A 256 -14.40 10.28 -20.96
CA ALA A 256 -12.93 10.21 -21.11
C ALA A 256 -12.49 9.06 -22.03
N ASN A 257 -13.20 7.94 -21.97
CA ASN A 257 -12.73 6.73 -22.65
C ASN A 257 -13.81 5.67 -22.66
N THR A 258 -13.58 4.61 -23.42
CA THR A 258 -14.50 3.48 -23.44
C THR A 258 -14.04 2.43 -22.48
N ALA A 259 -14.84 2.19 -21.43
CA ALA A 259 -14.56 1.10 -20.50
C ALA A 259 -15.18 -0.18 -21.05
N GLY A 260 -14.39 -1.24 -21.06
CA GLY A 260 -14.91 -2.51 -21.53
C GLY A 260 -14.10 -3.66 -21.02
N ILE A 261 -14.48 -4.88 -21.39
N ILE A 261 -14.50 -4.86 -21.40
CA ILE A 261 -13.80 -6.06 -20.90
CA ILE A 261 -13.82 -6.06 -20.94
C ILE A 261 -12.89 -6.67 -21.96
C ILE A 261 -12.88 -6.60 -22.03
N TYR A 262 -11.59 -6.66 -21.69
CA TYR A 262 -10.66 -7.44 -22.51
C TYR A 262 -10.73 -8.90 -22.08
N ILE A 263 -10.65 -9.78 -23.06
CA ILE A 263 -10.86 -11.21 -22.86
C ILE A 263 -9.62 -11.98 -23.29
N ASN A 264 -9.16 -12.86 -22.39
CA ASN A 264 -8.05 -13.76 -22.72
C ASN A 264 -8.50 -14.81 -23.71
N VAL A 265 -8.18 -14.62 -24.99
CA VAL A 265 -8.71 -15.55 -26.00
C VAL A 265 -7.90 -16.83 -26.07
N ASN A 266 -6.93 -16.99 -25.18
CA ASN A 266 -6.15 -18.22 -25.12
C ASN A 266 -6.51 -19.11 -23.94
N LYS A 267 -7.59 -18.77 -23.27
CA LYS A 267 -8.09 -19.53 -22.14
C LYS A 267 -9.48 -20.10 -22.48
N TYR A 268 -9.61 -21.42 -22.45
CA TYR A 268 -10.91 -22.06 -22.72
C TYR A 268 -11.91 -21.74 -21.61
N PRO A 269 -13.17 -21.41 -21.96
CA PRO A 269 -13.79 -21.36 -23.30
C PRO A 269 -13.81 -19.94 -23.91
N LEU A 270 -13.03 -19.03 -23.33
CA LEU A 270 -12.98 -17.66 -23.81
C LEU A 270 -12.36 -17.56 -25.21
N SER A 271 -11.70 -18.63 -25.66
CA SER A 271 -11.20 -18.76 -27.01
C SER A 271 -12.29 -18.85 -28.08
N ILE A 272 -13.49 -19.22 -27.66
CA ILE A 272 -14.60 -19.42 -28.61
C ILE A 272 -15.30 -18.10 -28.85
N PRO A 273 -15.28 -17.60 -30.08
CA PRO A 273 -15.89 -16.29 -30.36
C PRO A 273 -17.38 -16.23 -29.95
N GLU A 274 -18.14 -17.28 -30.22
CA GLU A 274 -19.55 -17.26 -29.83
C GLU A 274 -19.73 -17.20 -28.32
N PHE A 275 -18.79 -17.76 -27.57
CA PHE A 275 -18.86 -17.66 -26.10
C PHE A 275 -18.70 -16.21 -25.68
N ARG A 276 -17.77 -15.50 -26.32
CA ARG A 276 -17.59 -14.08 -26.06
C ARG A 276 -18.87 -13.29 -26.42
N ARG A 277 -19.49 -13.63 -27.56
N ARG A 277 -19.52 -13.62 -27.54
CA ARG A 277 -20.79 -13.06 -27.92
CA ARG A 277 -20.79 -12.95 -27.87
C ARG A 277 -21.81 -13.24 -26.80
C ARG A 277 -21.88 -13.25 -26.84
N ALA A 278 -21.92 -14.47 -26.30
CA ALA A 278 -22.86 -14.80 -25.22
C ALA A 278 -22.65 -13.89 -24.02
N MET A 279 -21.39 -13.68 -23.63
CA MET A 279 -21.12 -12.79 -22.50
C MET A 279 -21.61 -11.37 -22.76
N ALA A 280 -21.40 -10.87 -23.99
CA ALA A 280 -21.84 -9.54 -24.34
C ALA A 280 -23.36 -9.37 -24.19
N TYR A 281 -24.13 -10.39 -24.64
CA TYR A 281 -25.57 -10.33 -24.48
C TYR A 281 -26.03 -10.42 -23.04
N ALA A 282 -25.22 -11.04 -22.18
CA ALA A 282 -25.61 -11.29 -20.81
C ALA A 282 -25.50 -10.04 -19.92
N ILE A 283 -24.65 -9.08 -20.33
CA ILE A 283 -24.32 -7.96 -19.45
C ILE A 283 -25.29 -6.80 -19.66
N ASN A 284 -25.77 -6.25 -18.54
CA ASN A 284 -26.68 -5.12 -18.57
C ASN A 284 -25.94 -3.81 -18.23
N PRO A 285 -25.56 -3.03 -19.25
CA PRO A 285 -24.78 -1.83 -18.93
C PRO A 285 -25.61 -0.78 -18.20
N GLU A 286 -26.92 -0.77 -18.36
CA GLU A 286 -27.74 0.25 -17.71
C GLU A 286 -27.71 0.08 -16.21
N LYS A 287 -27.63 -1.17 -15.74
N LYS A 287 -27.62 -1.17 -15.75
CA LYS A 287 -27.54 -1.42 -14.30
CA LYS A 287 -27.54 -1.43 -14.31
C LYS A 287 -26.24 -0.85 -13.75
C LYS A 287 -26.23 -0.87 -13.74
N ILE A 288 -25.17 -0.94 -14.54
CA ILE A 288 -23.88 -0.36 -14.16
C ILE A 288 -23.98 1.16 -14.11
N VAL A 289 -24.55 1.74 -15.15
CA VAL A 289 -24.74 3.19 -15.26
C VAL A 289 -25.46 3.77 -14.04
N THR A 290 -26.46 3.04 -13.58
N THR A 290 -26.48 3.08 -13.55
CA THR A 290 -27.28 3.49 -12.47
CA THR A 290 -27.19 3.65 -12.40
C THR A 290 -26.61 3.19 -11.13
C THR A 290 -26.59 3.20 -11.06
N ARG A 291 -26.28 1.92 -10.92
CA ARG A 291 -25.76 1.46 -9.62
C ARG A 291 -24.37 2.02 -9.28
N ALA A 292 -23.45 1.99 -10.24
CA ALA A 292 -22.10 2.44 -9.96
C ALA A 292 -21.96 3.94 -10.16
N TYR A 293 -22.68 4.50 -11.12
CA TYR A 293 -22.38 5.86 -11.57
C TYR A 293 -23.46 6.90 -11.31
N GLU A 294 -24.62 6.48 -10.81
CA GLU A 294 -25.76 7.38 -10.61
C GLU A 294 -25.98 8.24 -11.84
N ASN A 295 -25.92 7.60 -13.00
CA ASN A 295 -26.12 8.24 -14.31
C ASN A 295 -25.15 9.35 -14.67
N MET A 296 -23.95 9.33 -14.10
CA MET A 296 -22.93 10.31 -14.50
C MET A 296 -22.22 9.89 -15.78
N VAL A 297 -22.44 8.66 -16.21
CA VAL A 297 -21.89 8.16 -17.48
C VAL A 297 -23.03 7.65 -18.35
N THR A 298 -22.74 7.39 -19.62
CA THR A 298 -23.71 6.67 -20.45
C THR A 298 -23.15 5.33 -20.91
N ALA A 299 -24.05 4.41 -21.20
CA ALA A 299 -23.66 3.12 -21.75
C ALA A 299 -23.11 3.32 -23.14
N ALA A 300 -22.21 2.42 -23.54
CA ALA A 300 -21.54 2.50 -24.84
C ALA A 300 -22.41 1.92 -25.94
N ASN A 301 -22.30 2.49 -27.14
CA ASN A 301 -22.83 1.82 -28.30
C ASN A 301 -21.98 0.55 -28.48
N PRO A 302 -22.51 -0.46 -29.18
CA PRO A 302 -21.84 -1.76 -29.26
C PRO A 302 -20.42 -1.73 -29.83
N ALA A 303 -20.15 -0.77 -30.71
CA ALA A 303 -18.80 -0.62 -31.28
C ALA A 303 -17.84 0.06 -30.32
N GLY A 304 -18.38 0.69 -29.29
CA GLY A 304 -17.55 1.39 -28.30
C GLY A 304 -16.97 2.69 -28.80
N ILE A 305 -17.55 3.28 -29.81
CA ILE A 305 -17.06 4.54 -30.34
C ILE A 305 -17.50 5.70 -29.45
N LEU A 306 -16.52 6.49 -28.99
CA LEU A 306 -16.81 7.59 -28.07
C LEU A 306 -17.79 8.57 -28.67
N PRO A 307 -18.70 9.09 -27.85
CA PRO A 307 -19.82 9.90 -28.37
C PRO A 307 -19.39 11.33 -28.63
N LEU A 308 -18.29 11.48 -29.34
CA LEU A 308 -17.74 12.79 -29.64
C LEU A 308 -17.76 13.03 -31.15
N PRO A 309 -17.85 14.31 -31.56
CA PRO A 309 -18.13 14.59 -32.98
C PRO A 309 -17.07 14.06 -33.93
N GLY A 310 -15.80 14.16 -33.57
CA GLY A 310 -14.72 13.73 -34.43
C GLY A 310 -14.62 12.21 -34.64
N TYR A 311 -15.30 11.47 -33.76
CA TYR A 311 -15.41 10.03 -33.90
C TYR A 311 -16.74 9.64 -34.54
N MET A 312 -17.83 10.23 -34.06
CA MET A 312 -19.17 9.83 -34.48
C MET A 312 -19.46 10.14 -35.93
N LYS A 313 -18.65 10.99 -36.54
CA LYS A 313 -18.77 11.24 -37.97
C LYS A 313 -18.38 10.03 -38.80
N TYR A 314 -17.79 9.02 -38.14
CA TYR A 314 -17.44 7.76 -38.79
C TYR A 314 -18.25 6.60 -38.25
N TYR A 315 -19.34 6.88 -37.54
CA TYR A 315 -20.10 5.81 -36.91
C TYR A 315 -20.67 4.88 -37.95
N PRO A 316 -20.40 3.57 -37.79
CA PRO A 316 -20.87 2.55 -38.74
C PRO A 316 -22.27 2.06 -38.39
N LYS A 317 -23.28 2.90 -38.61
CA LYS A 317 -24.63 2.55 -38.16
C LYS A 317 -25.16 1.27 -38.81
N GLU A 318 -24.96 1.12 -40.11
CA GLU A 318 -25.37 -0.10 -40.81
C GLU A 318 -24.79 -1.35 -40.13
N VAL A 319 -23.49 -1.32 -39.89
CA VAL A 319 -22.81 -2.46 -39.30
C VAL A 319 -23.32 -2.76 -37.89
N VAL A 320 -23.48 -1.71 -37.09
CA VAL A 320 -23.98 -1.90 -35.73
C VAL A 320 -25.42 -2.43 -35.71
N ASP A 321 -26.28 -1.87 -36.59
CA ASP A 321 -27.66 -2.35 -36.69
C ASP A 321 -27.71 -3.83 -37.03
N LYS A 322 -26.76 -4.28 -37.84
CA LYS A 322 -26.76 -5.64 -38.37
C LYS A 322 -26.03 -6.63 -37.46
N TYR A 323 -24.94 -6.20 -36.83
CA TYR A 323 -24.06 -7.11 -36.10
C TYR A 323 -23.90 -6.79 -34.61
N GLY A 324 -24.55 -5.75 -34.14
CA GLY A 324 -24.41 -5.33 -32.75
C GLY A 324 -25.04 -6.30 -31.78
N PHE A 325 -24.71 -6.15 -30.50
CA PHE A 325 -25.33 -6.91 -29.43
C PHE A 325 -26.10 -5.94 -28.55
N LYS A 326 -26.95 -6.48 -27.67
CA LYS A 326 -27.62 -5.68 -26.66
C LYS A 326 -27.89 -6.59 -25.47
N TYR A 327 -28.30 -6.00 -24.34
CA TYR A 327 -28.60 -6.81 -23.16
C TYR A 327 -29.82 -7.70 -23.44
N ASP A 328 -29.59 -9.02 -23.44
CA ASP A 328 -30.63 -10.01 -23.72
C ASP A 328 -30.20 -11.36 -23.17
N PRO A 329 -30.54 -11.63 -21.90
CA PRO A 329 -30.17 -12.89 -21.28
C PRO A 329 -30.69 -14.13 -22.03
N GLU A 330 -31.85 -14.01 -22.68
CA GLU A 330 -32.35 -15.15 -23.45
C GLU A 330 -31.42 -15.52 -24.59
N MET A 331 -30.84 -14.51 -25.24
CA MET A 331 -29.93 -14.75 -26.35
C MET A 331 -28.63 -15.37 -25.84
N ALA A 332 -28.13 -14.87 -24.69
CA ALA A 332 -26.96 -15.48 -24.08
C ALA A 332 -27.20 -16.98 -23.77
N LYS A 333 -28.34 -17.30 -23.16
CA LYS A 333 -28.64 -18.69 -22.80
C LYS A 333 -28.75 -19.56 -24.06
N LYS A 334 -29.33 -18.98 -25.09
CA LYS A 334 -29.46 -19.66 -26.37
C LYS A 334 -28.12 -20.04 -26.96
N ILE A 335 -27.19 -19.09 -26.98
CA ILE A 335 -25.85 -19.36 -27.49
C ILE A 335 -25.11 -20.40 -26.63
N LEU A 336 -25.17 -20.24 -25.31
CA LEU A 336 -24.50 -21.16 -24.41
C LEU A 336 -25.01 -22.60 -24.58
N ASP A 337 -26.33 -22.74 -24.75
CA ASP A 337 -26.91 -24.06 -25.02
C ASP A 337 -26.42 -24.62 -26.34
N GLU A 338 -26.35 -23.76 -27.36
N GLU A 338 -26.33 -23.78 -27.36
CA GLU A 338 -25.90 -24.17 -28.69
CA GLU A 338 -25.91 -24.24 -28.68
C GLU A 338 -24.47 -24.70 -28.64
C GLU A 338 -24.45 -24.70 -28.66
N LEU A 339 -23.65 -24.04 -27.84
CA LEU A 339 -22.26 -24.41 -27.63
C LEU A 339 -22.10 -25.63 -26.72
N GLY A 340 -23.18 -26.05 -26.07
CA GLY A 340 -23.13 -27.22 -25.21
C GLY A 340 -22.75 -26.99 -23.76
N PHE A 341 -22.73 -25.73 -23.32
CA PHE A 341 -22.43 -25.40 -21.93
C PHE A 341 -23.70 -25.44 -21.11
N LYS A 342 -23.93 -26.56 -20.43
CA LYS A 342 -25.15 -26.75 -19.66
C LYS A 342 -24.89 -27.14 -18.22
N ASP A 343 -25.76 -26.67 -17.33
CA ASP A 343 -25.69 -27.03 -15.93
C ASP A 343 -26.16 -28.48 -15.78
N VAL A 344 -25.25 -29.36 -15.38
CA VAL A 344 -25.59 -30.78 -15.19
C VAL A 344 -25.70 -31.16 -13.72
N ASN A 345 -25.48 -30.22 -12.81
CA ASN A 345 -25.54 -30.59 -11.39
C ASN A 345 -26.33 -29.65 -10.51
N LYS A 346 -27.19 -28.85 -11.14
CA LYS A 346 -28.07 -27.92 -10.43
C LYS A 346 -27.34 -27.09 -9.39
N ASP A 347 -26.17 -26.57 -9.73
CA ASP A 347 -25.50 -25.62 -8.85
C ASP A 347 -25.63 -24.21 -9.41
N GLY A 348 -26.40 -24.07 -10.50
CA GLY A 348 -26.59 -22.77 -11.13
C GLY A 348 -25.46 -22.35 -12.06
N PHE A 349 -24.44 -23.18 -12.17
CA PHE A 349 -23.30 -22.90 -13.06
C PHE A 349 -23.29 -23.89 -14.19
N ARG A 350 -23.17 -23.40 -15.43
CA ARG A 350 -23.02 -24.29 -16.57
C ARG A 350 -21.66 -24.97 -16.50
N GLU A 351 -21.68 -26.28 -16.74
CA GLU A 351 -20.46 -27.02 -16.91
C GLU A 351 -20.09 -26.96 -18.39
N ASP A 352 -18.90 -27.41 -18.76
CA ASP A 352 -18.50 -27.43 -20.15
C ASP A 352 -19.16 -28.62 -20.90
N PRO A 353 -18.97 -28.73 -22.23
CA PRO A 353 -19.70 -29.78 -22.94
C PRO A 353 -19.34 -31.22 -22.53
N ASN A 354 -18.21 -31.40 -21.84
CA ASN A 354 -17.82 -32.71 -21.36
C ASN A 354 -18.29 -32.93 -19.92
N GLY A 355 -19.01 -31.96 -19.37
CA GLY A 355 -19.59 -32.09 -18.05
C GLY A 355 -18.67 -31.61 -16.94
N LYS A 356 -17.58 -30.93 -17.31
CA LYS A 356 -16.59 -30.47 -16.34
C LYS A 356 -16.91 -29.06 -15.86
N PRO A 357 -16.60 -28.78 -14.58
CA PRO A 357 -16.80 -27.39 -14.15
C PRO A 357 -15.83 -26.41 -14.83
N PHE A 358 -16.24 -25.17 -14.94
CA PHE A 358 -15.26 -24.12 -15.23
C PHE A 358 -15.71 -22.86 -14.52
N LYS A 359 -14.74 -22.01 -14.23
CA LYS A 359 -15.08 -20.71 -13.67
C LYS A 359 -14.03 -19.71 -14.10
N LEU A 360 -14.40 -18.44 -14.07
CA LEU A 360 -13.56 -17.39 -14.59
C LEU A 360 -13.45 -16.27 -13.57
N THR A 361 -12.38 -15.50 -13.68
CA THR A 361 -12.28 -14.28 -12.89
C THR A 361 -12.52 -13.04 -13.74
N ILE A 362 -13.03 -11.99 -13.08
CA ILE A 362 -13.01 -10.66 -13.68
C ILE A 362 -12.34 -9.74 -12.66
N GLU A 363 -11.47 -8.84 -13.12
CA GLU A 363 -10.70 -8.04 -12.17
C GLU A 363 -10.65 -6.58 -12.51
N CYS A 364 -10.48 -5.79 -11.47
CA CYS A 364 -10.24 -4.36 -11.55
C CYS A 364 -9.31 -3.98 -10.42
N PRO A 365 -8.78 -2.77 -10.40
CA PRO A 365 -7.91 -2.41 -9.26
C PRO A 365 -8.66 -2.23 -7.95
N TYR A 366 -8.13 -2.77 -6.85
CA TYR A 366 -8.74 -2.48 -5.56
C TYR A 366 -8.75 -0.98 -5.31
N GLY A 367 -9.84 -0.50 -4.71
CA GLY A 367 -9.93 0.88 -4.30
C GLY A 367 -10.53 1.77 -5.37
N TRP A 368 -10.64 1.25 -6.59
CA TRP A 368 -11.35 1.95 -7.67
C TRP A 368 -12.81 1.60 -7.47
N THR A 369 -13.45 2.29 -6.54
CA THR A 369 -14.70 1.85 -5.96
C THR A 369 -15.80 1.66 -6.99
N ASP A 370 -15.88 2.58 -7.97
CA ASP A 370 -16.86 2.44 -9.05
C ASP A 370 -16.62 1.21 -9.91
N TRP A 371 -15.37 0.87 -10.16
CA TRP A 371 -15.09 -0.33 -10.96
C TRP A 371 -15.34 -1.60 -10.17
N MET A 372 -15.16 -1.54 -8.86
CA MET A 372 -15.47 -2.68 -8.00
C MET A 372 -16.95 -3.00 -8.08
N VAL A 373 -17.79 -1.96 -7.94
CA VAL A 373 -19.23 -2.13 -8.07
C VAL A 373 -19.57 -2.62 -9.49
N SER A 374 -18.90 -2.06 -10.49
CA SER A 374 -19.17 -2.42 -11.87
C SER A 374 -18.85 -3.90 -12.16
N ILE A 375 -17.71 -4.40 -11.69
CA ILE A 375 -17.41 -5.80 -12.00
C ILE A 375 -18.25 -6.75 -11.15
N GLN A 376 -18.71 -6.29 -9.98
CA GLN A 376 -19.70 -7.09 -9.24
C GLN A 376 -20.96 -7.24 -10.06
N SER A 377 -21.40 -6.15 -10.68
CA SER A 377 -22.60 -6.14 -11.50
C SER A 377 -22.44 -7.03 -12.72
N ILE A 378 -21.29 -6.91 -13.38
CA ILE A 378 -21.01 -7.75 -14.55
C ILE A 378 -20.98 -9.23 -14.17
N ALA A 379 -20.29 -9.56 -13.09
CA ALA A 379 -20.21 -10.94 -12.63
C ALA A 379 -21.60 -11.49 -12.32
N GLU A 380 -22.45 -10.67 -11.70
N GLU A 380 -22.47 -10.70 -11.72
CA GLU A 380 -23.80 -11.08 -11.34
CA GLU A 380 -23.79 -11.20 -11.36
C GLU A 380 -24.59 -11.41 -12.61
C GLU A 380 -24.62 -11.42 -12.61
N ASP A 381 -24.41 -10.58 -13.64
CA ASP A 381 -25.10 -10.80 -14.91
C ASP A 381 -24.66 -12.11 -15.57
N LEU A 382 -23.36 -12.39 -15.49
CA LEU A 382 -22.83 -13.58 -16.10
C LEU A 382 -23.29 -14.83 -15.32
N VAL A 383 -23.29 -14.74 -14.00
CA VAL A 383 -23.77 -15.86 -13.17
C VAL A 383 -25.25 -16.11 -13.43
N LYS A 384 -26.00 -15.05 -13.76
CA LYS A 384 -27.43 -15.18 -13.98
C LYS A 384 -27.75 -16.03 -15.21
N VAL A 385 -26.85 -16.12 -16.17
CA VAL A 385 -27.01 -17.04 -17.30
C VAL A 385 -26.09 -18.25 -17.17
N GLY A 386 -25.65 -18.51 -15.95
CA GLY A 386 -24.95 -19.74 -15.65
C GLY A 386 -23.46 -19.78 -15.89
N ILE A 387 -22.83 -18.62 -16.08
CA ILE A 387 -21.40 -18.56 -16.22
C ILE A 387 -20.77 -18.17 -14.90
N ASN A 388 -20.01 -19.08 -14.30
CA ASN A 388 -19.43 -18.81 -12.99
C ASN A 388 -18.29 -17.79 -13.07
N VAL A 389 -18.59 -16.53 -12.74
CA VAL A 389 -17.58 -15.49 -12.77
C VAL A 389 -17.43 -14.87 -11.39
N GLU A 390 -16.20 -14.81 -10.90
CA GLU A 390 -15.91 -14.23 -9.59
C GLU A 390 -15.10 -12.93 -9.72
N PRO A 391 -15.55 -11.87 -9.05
CA PRO A 391 -14.76 -10.64 -9.05
C PRO A 391 -13.53 -10.71 -8.17
N LYS A 392 -12.44 -10.16 -8.66
CA LYS A 392 -11.18 -10.09 -7.96
C LYS A 392 -10.68 -8.65 -7.97
N TYR A 393 -10.01 -8.26 -6.89
CA TYR A 393 -9.55 -6.87 -6.74
C TYR A 393 -8.08 -6.82 -6.37
N PRO A 394 -7.19 -7.22 -7.30
CA PRO A 394 -5.77 -7.05 -7.07
C PRO A 394 -5.40 -5.59 -6.82
N ASP A 395 -4.28 -5.29 -6.17
CA ASP A 395 -3.86 -3.92 -6.12
C ASP A 395 -3.50 -3.42 -7.48
N TYR A 396 -3.40 -2.13 -7.64
CA TYR A 396 -3.16 -1.57 -8.96
C TYR A 396 -1.94 -2.19 -9.65
N SER A 397 -0.85 -2.36 -8.93
N SER A 397 -0.86 -2.35 -8.91
N SER A 397 -0.86 -2.36 -8.92
CA SER A 397 0.37 -2.89 -9.55
CA SER A 397 0.39 -2.91 -9.43
CA SER A 397 0.39 -2.90 -9.48
C SER A 397 0.17 -4.31 -10.08
C SER A 397 0.18 -4.29 -10.04
C SER A 397 0.19 -4.30 -10.05
N LYS A 398 -0.51 -5.16 -9.32
CA LYS A 398 -0.79 -6.52 -9.78
C LYS A 398 -1.77 -6.50 -10.93
N TYR A 399 -2.79 -5.67 -10.81
CA TYR A 399 -3.74 -5.45 -11.91
C TYR A 399 -3.01 -5.08 -13.19
N ALA A 400 -2.09 -4.12 -13.10
CA ALA A 400 -1.37 -3.65 -14.27
C ALA A 400 -0.48 -4.74 -14.85
N ASP A 401 0.20 -5.49 -14.00
N ASP A 401 0.20 -5.47 -13.98
CA ASP A 401 1.03 -6.59 -14.50
CA ASP A 401 1.03 -6.61 -14.40
C ASP A 401 0.15 -7.64 -15.16
C ASP A 401 0.16 -7.65 -15.12
N ASP A 402 -0.99 -7.95 -14.56
CA ASP A 402 -1.97 -8.86 -15.18
C ASP A 402 -2.39 -8.39 -16.58
N LEU A 403 -2.76 -7.11 -16.67
CA LEU A 403 -3.21 -6.50 -17.90
C LEU A 403 -2.14 -6.54 -18.97
N TYR A 404 -0.97 -5.96 -18.68
CA TYR A 404 0.07 -5.85 -19.70
C TYR A 404 0.61 -7.22 -20.10
N GLY A 405 0.65 -8.14 -19.14
CA GLY A 405 1.19 -9.46 -19.40
C GLY A 405 0.19 -10.46 -19.95
N GLY A 406 -1.08 -10.06 -19.99
CA GLY A 406 -2.13 -10.93 -20.50
C GLY A 406 -2.51 -12.06 -19.57
N LYS A 407 -2.25 -11.90 -18.27
CA LYS A 407 -2.53 -12.94 -17.28
C LYS A 407 -3.82 -12.63 -16.55
N PHE A 408 -4.93 -12.90 -17.21
CA PHE A 408 -6.27 -12.65 -16.68
C PHE A 408 -7.25 -13.50 -17.45
N ASP A 409 -8.48 -13.58 -16.97
CA ASP A 409 -9.56 -14.19 -17.73
C ASP A 409 -10.33 -13.07 -18.41
N LEU A 410 -11.03 -12.29 -17.56
CA LEU A 410 -11.73 -11.07 -17.97
C LEU A 410 -11.12 -9.91 -17.22
N ILE A 411 -10.91 -8.80 -17.90
CA ILE A 411 -10.36 -7.65 -17.19
C ILE A 411 -11.04 -6.37 -17.66
N LEU A 412 -11.52 -5.59 -16.69
CA LEU A 412 -12.13 -4.29 -17.00
C LEU A 412 -11.01 -3.30 -17.21
N ASN A 413 -11.03 -2.57 -18.33
CA ASN A 413 -9.94 -1.64 -18.64
C ASN A 413 -10.36 -0.54 -19.59
N ASN A 414 -9.59 0.55 -19.59
CA ASN A 414 -9.85 1.70 -20.45
C ASN A 414 -8.58 2.45 -20.82
N PHE A 415 -7.43 1.78 -20.73
CA PHE A 415 -6.15 2.49 -20.83
C PHE A 415 -5.81 2.99 -22.22
N THR A 416 -6.38 2.37 -23.27
CA THR A 416 -5.97 2.68 -24.63
C THR A 416 -7.15 3.12 -25.51
N THR A 417 -8.31 3.30 -24.88
CA THR A 417 -9.53 3.59 -25.59
C THR A 417 -10.04 4.97 -25.27
N GLY A 418 -9.10 5.86 -24.94
CA GLY A 418 -9.43 7.20 -24.56
C GLY A 418 -9.50 8.24 -25.66
N VAL A 419 -10.04 9.40 -25.30
CA VAL A 419 -10.03 10.60 -26.12
C VAL A 419 -8.66 10.81 -26.77
N SER A 420 -8.67 11.11 -28.06
CA SER A 420 -7.43 11.29 -28.82
C SER A 420 -7.68 12.16 -30.06
N ALA A 421 -6.64 12.32 -30.86
CA ALA A 421 -6.74 13.08 -32.09
C ALA A 421 -7.24 12.23 -33.26
N THR A 422 -7.44 10.94 -33.04
CA THR A 422 -7.87 10.08 -34.14
C THR A 422 -8.57 8.80 -33.66
N ILE A 423 -9.63 8.44 -34.37
CA ILE A 423 -10.35 7.22 -34.08
C ILE A 423 -9.48 5.98 -34.32
N TRP A 424 -8.40 6.14 -35.09
CA TRP A 424 -7.46 5.07 -35.27
C TRP A 424 -6.92 4.58 -33.94
N SER A 425 -6.75 5.49 -32.97
CA SER A 425 -6.17 5.07 -31.68
C SER A 425 -7.11 4.17 -30.89
N TYR A 426 -8.41 4.33 -31.09
CA TYR A 426 -9.36 3.42 -30.45
C TYR A 426 -9.23 2.01 -31.02
N PHE A 427 -9.27 1.89 -32.33
CA PHE A 427 -9.18 0.56 -32.91
C PHE A 427 -7.81 -0.07 -32.68
N ASN A 428 -6.77 0.74 -32.68
CA ASN A 428 -5.46 0.21 -32.30
C ASN A 428 -5.43 -0.23 -30.83
N GLY A 429 -6.08 0.55 -29.95
CA GLY A 429 -6.15 0.17 -28.56
C GLY A 429 -6.89 -1.13 -28.31
N VAL A 430 -7.87 -1.43 -29.16
CA VAL A 430 -8.58 -2.70 -29.11
C VAL A 430 -7.74 -3.83 -29.71
N PHE A 431 -7.22 -3.61 -30.91
CA PHE A 431 -6.70 -4.70 -31.73
C PHE A 431 -5.18 -4.86 -31.77
N TYR A 432 -4.43 -3.88 -31.25
CA TYR A 432 -2.97 -3.83 -31.31
C TYR A 432 -2.31 -5.16 -31.65
N PRO A 433 -2.00 -5.37 -32.94
CA PRO A 433 -1.57 -6.69 -33.38
C PRO A 433 -0.31 -7.22 -32.71
N ASP A 434 0.64 -6.35 -32.40
CA ASP A 434 1.91 -6.81 -31.86
C ASP A 434 1.79 -7.40 -30.46
N ALA A 435 0.63 -7.24 -29.83
CA ALA A 435 0.42 -7.84 -28.51
C ALA A 435 0.53 -9.37 -28.54
N VAL A 436 0.23 -9.95 -29.69
CA VAL A 436 0.08 -11.41 -29.75
C VAL A 436 1.39 -12.13 -29.47
N GLU A 437 2.46 -11.66 -30.09
CA GLU A 437 3.75 -12.35 -29.95
C GLU A 437 4.67 -11.72 -28.91
N SER A 438 4.28 -10.56 -28.38
N SER A 438 4.29 -10.56 -28.40
CA SER A 438 5.07 -9.85 -27.38
CA SER A 438 5.08 -9.91 -27.37
C SER A 438 4.75 -10.30 -25.95
C SER A 438 4.86 -10.58 -26.03
N GLU A 439 5.77 -10.33 -25.10
CA GLU A 439 5.64 -10.80 -23.74
C GLU A 439 4.67 -9.85 -23.01
N TYR A 440 4.95 -8.56 -23.10
CA TYR A 440 4.07 -7.55 -22.52
C TYR A 440 3.54 -6.64 -23.61
N SER A 441 2.31 -6.17 -23.44
CA SER A 441 1.75 -5.15 -24.32
C SER A 441 1.35 -3.95 -23.48
N TYR A 442 1.82 -2.78 -23.87
CA TYR A 442 1.40 -1.54 -23.23
C TYR A 442 0.51 -0.71 -24.14
N SER A 443 0.15 -1.24 -25.30
CA SER A 443 -0.50 -0.48 -26.35
C SER A 443 -1.94 -0.94 -26.63
N GLY A 444 -2.36 -2.05 -26.04
CA GLY A 444 -3.71 -2.54 -26.28
C GLY A 444 -3.76 -4.02 -26.58
N ASN A 445 -4.95 -4.50 -26.95
CA ASN A 445 -5.14 -5.93 -27.27
C ASN A 445 -4.54 -6.82 -26.19
N PHE A 446 -4.87 -6.51 -24.94
CA PHE A 446 -4.19 -7.14 -23.82
C PHE A 446 -4.49 -8.65 -23.74
N GLY A 447 -5.59 -9.08 -24.34
CA GLY A 447 -5.96 -10.48 -24.38
C GLY A 447 -5.35 -11.26 -25.54
N LYS A 448 -4.56 -10.57 -26.37
CA LYS A 448 -3.71 -11.18 -27.39
C LYS A 448 -4.52 -11.88 -28.49
N TYR A 449 -5.53 -11.17 -28.98
CA TYR A 449 -6.37 -11.61 -30.08
C TYR A 449 -5.63 -11.40 -31.40
N ALA A 450 -5.61 -12.45 -32.24
CA ALA A 450 -4.95 -12.37 -33.52
C ALA A 450 -5.95 -12.39 -34.68
N ASN A 451 -5.67 -11.57 -35.68
CA ASN A 451 -6.50 -11.49 -36.89
C ASN A 451 -5.74 -10.76 -37.98
N PRO A 452 -5.14 -11.52 -38.91
CA PRO A 452 -4.36 -10.88 -39.98
C PRO A 452 -5.13 -9.87 -40.80
N GLU A 453 -6.42 -10.11 -41.05
CA GLU A 453 -7.21 -9.13 -41.80
C GLU A 453 -7.29 -7.80 -41.07
N VAL A 454 -7.49 -7.84 -39.75
CA VAL A 454 -7.59 -6.61 -38.97
C VAL A 454 -6.34 -5.76 -39.11
N GLU A 455 -5.18 -6.39 -39.13
CA GLU A 455 -3.91 -5.66 -39.28
CA GLU A 455 -3.93 -5.63 -39.25
C GLU A 455 -3.88 -4.80 -40.54
N THR A 456 -4.33 -5.37 -41.65
CA THR A 456 -4.31 -4.63 -42.91
C THR A 456 -5.30 -3.47 -42.88
N LEU A 457 -6.41 -3.65 -42.21
CA LEU A 457 -7.42 -2.60 -42.08
C LEU A 457 -6.94 -1.45 -41.19
N LEU A 458 -6.30 -1.79 -40.06
CA LEU A 458 -5.72 -0.75 -39.22
C LEU A 458 -4.76 0.11 -39.99
N ASP A 459 -3.94 -0.53 -40.84
CA ASP A 459 -2.97 0.19 -41.66
C ASP A 459 -3.64 1.04 -42.70
N GLU A 460 -4.71 0.52 -43.30
CA GLU A 460 -5.45 1.26 -44.30
C GLU A 460 -6.06 2.54 -43.72
N LEU A 461 -6.66 2.41 -42.55
CA LEU A 461 -7.19 3.55 -41.81
C LEU A 461 -6.08 4.53 -41.48
N ASN A 462 -5.00 4.00 -40.93
CA ASN A 462 -3.81 4.78 -40.54
C ASN A 462 -3.28 5.64 -41.68
N ARG A 463 -3.20 5.05 -42.87
CA ARG A 463 -2.59 5.70 -44.04
C ARG A 463 -3.51 6.65 -44.76
N SER A 464 -4.76 6.73 -44.30
CA SER A 464 -5.77 7.53 -44.98
C SER A 464 -5.89 8.92 -44.35
N ASN A 465 -6.23 9.89 -45.20
CA ASN A 465 -6.48 11.25 -44.77
C ASN A 465 -7.82 11.75 -45.34
N ASP A 466 -8.62 10.80 -45.81
CA ASP A 466 -9.88 11.08 -46.50
C ASP A 466 -11.05 10.54 -45.66
N ASP A 467 -12.00 11.42 -45.34
CA ASP A 467 -13.10 11.06 -44.44
C ASP A 467 -13.94 9.90 -44.95
N ALA A 468 -14.18 9.88 -46.27
CA ALA A 468 -14.95 8.81 -46.87
C ALA A 468 -14.24 7.46 -46.70
N LYS A 469 -12.95 7.43 -46.97
CA LYS A 469 -12.16 6.21 -46.82
C LYS A 469 -12.10 5.73 -45.37
N ILE A 470 -11.85 6.66 -44.45
CA ILE A 470 -11.82 6.38 -43.03
C ILE A 470 -13.15 5.76 -42.57
N LYS A 471 -14.27 6.38 -42.97
CA LYS A 471 -15.57 5.82 -42.62
C LYS A 471 -15.72 4.37 -43.10
N GLU A 472 -15.28 4.12 -44.33
CA GLU A 472 -15.36 2.78 -44.91
C GLU A 472 -14.54 1.76 -44.10
N VAL A 473 -13.34 2.14 -43.72
CA VAL A 473 -12.48 1.22 -42.97
C VAL A 473 -12.97 1.03 -41.54
N VAL A 474 -13.47 2.10 -40.92
CA VAL A 474 -14.02 2.00 -39.58
C VAL A 474 -15.17 0.98 -39.54
N ALA A 475 -16.00 0.98 -40.58
CA ALA A 475 -17.08 0.01 -40.70
C ALA A 475 -16.54 -1.43 -40.73
N LYS A 476 -15.50 -1.66 -41.53
CA LYS A 476 -14.94 -3.00 -41.62
C LYS A 476 -14.34 -3.44 -40.30
N LEU A 477 -13.62 -2.54 -39.63
CA LEU A 477 -13.04 -2.86 -38.32
C LEU A 477 -14.11 -3.14 -37.29
N SER A 478 -15.19 -2.35 -37.33
CA SER A 478 -16.28 -2.49 -36.39
C SER A 478 -17.02 -3.80 -36.57
N GLU A 479 -17.17 -4.23 -37.82
CA GLU A 479 -17.82 -5.50 -38.09
C GLU A 479 -17.03 -6.66 -37.46
N ILE A 480 -15.71 -6.67 -37.62
CA ILE A 480 -14.89 -7.72 -37.01
C ILE A 480 -14.93 -7.63 -35.47
N LEU A 481 -14.88 -6.40 -34.92
CA LEU A 481 -15.00 -6.22 -33.47
C LEU A 481 -16.27 -6.86 -32.97
N LEU A 482 -17.40 -6.61 -33.67
CA LEU A 482 -18.68 -7.10 -33.21
C LEU A 482 -18.89 -8.61 -33.38
N LYS A 483 -18.21 -9.19 -34.36
N LYS A 483 -18.25 -9.24 -34.35
CA LYS A 483 -18.29 -10.62 -34.61
CA LYS A 483 -18.40 -10.70 -34.41
C LYS A 483 -17.43 -11.43 -33.64
C LYS A 483 -17.47 -11.40 -33.44
N ASP A 484 -16.22 -10.93 -33.36
CA ASP A 484 -15.25 -11.68 -32.55
C ASP A 484 -15.06 -11.21 -31.12
N LEU A 485 -15.57 -10.01 -30.80
CA LEU A 485 -15.52 -9.44 -29.45
C LEU A 485 -14.28 -9.79 -28.60
N PRO A 486 -13.10 -9.39 -29.06
CA PRO A 486 -11.92 -9.50 -28.20
C PRO A 486 -12.02 -8.53 -27.02
N PHE A 487 -12.83 -7.49 -27.21
CA PHE A 487 -13.07 -6.42 -26.25
C PHE A 487 -14.58 -6.18 -26.26
N ILE A 488 -15.23 -6.17 -25.10
CA ILE A 488 -16.65 -5.88 -25.03
C ILE A 488 -16.85 -4.47 -24.49
N PRO A 489 -17.24 -3.53 -25.36
CA PRO A 489 -17.47 -2.15 -24.85
C PRO A 489 -18.74 -2.07 -24.01
N LEU A 490 -18.67 -1.39 -22.87
CA LEU A 490 -19.81 -1.32 -21.96
C LEU A 490 -20.30 0.09 -21.60
N TRP A 491 -19.39 1.00 -21.22
CA TRP A 491 -19.81 2.37 -20.97
C TRP A 491 -18.66 3.33 -21.23
N TYR A 492 -18.95 4.63 -21.25
CA TYR A 492 -17.89 5.61 -21.36
C TYR A 492 -17.52 6.09 -19.96
N ASN A 493 -16.32 5.71 -19.51
CA ASN A 493 -15.89 6.12 -18.18
C ASN A 493 -15.67 7.62 -18.17
N GLY A 494 -15.93 8.25 -17.02
CA GLY A 494 -15.83 9.71 -16.93
C GLY A 494 -14.41 10.22 -16.87
N ALA A 495 -14.24 11.45 -17.33
CA ALA A 495 -13.05 12.23 -17.04
C ALA A 495 -13.25 12.81 -15.63
N TRP A 496 -12.96 12.03 -14.61
CA TRP A 496 -13.35 12.42 -13.26
C TRP A 496 -12.64 13.70 -12.83
N PHE A 497 -13.42 14.71 -12.52
CA PHE A 497 -12.89 15.97 -12.01
C PHE A 497 -13.86 16.60 -11.04
N GLN A 498 -13.39 16.82 -9.83
CA GLN A 498 -14.05 17.71 -8.88
C GLN A 498 -12.97 18.54 -8.22
N ALA A 499 -13.30 19.77 -7.84
CA ALA A 499 -12.33 20.61 -7.17
C ALA A 499 -12.94 21.32 -5.96
N SER A 500 -12.12 21.48 -4.94
CA SER A 500 -12.42 22.39 -3.84
C SER A 500 -12.01 23.80 -4.23
N GLU A 501 -12.82 24.79 -3.85
CA GLU A 501 -12.48 26.18 -4.02
C GLU A 501 -12.05 26.83 -2.71
N ALA A 502 -11.66 26.02 -1.74
CA ALA A 502 -11.25 26.55 -0.42
C ALA A 502 -10.01 27.41 -0.55
N VAL A 503 -9.13 27.08 -1.51
CA VAL A 503 -7.87 27.78 -1.70
C VAL A 503 -7.71 28.26 -3.13
N TRP A 504 -7.96 27.34 -4.08
CA TRP A 504 -7.80 27.62 -5.51
C TRP A 504 -9.13 27.80 -6.22
N THR A 505 -9.25 28.85 -7.02
N THR A 505 -9.22 28.86 -7.02
CA THR A 505 -10.46 29.08 -7.78
CA THR A 505 -10.45 29.16 -7.75
C THR A 505 -10.12 29.39 -9.24
C THR A 505 -10.17 29.24 -9.26
N ASN A 506 -11.16 29.69 -10.03
CA ASN A 506 -11.06 29.80 -11.49
C ASN A 506 -10.67 28.47 -12.15
N TRP A 507 -11.25 27.38 -11.65
CA TRP A 507 -11.09 26.08 -12.31
C TRP A 507 -11.75 26.14 -13.68
N PRO A 508 -11.20 25.39 -14.65
CA PRO A 508 -11.89 25.32 -15.94
C PRO A 508 -13.18 24.55 -15.83
N THR A 509 -14.21 25.01 -16.51
CA THR A 509 -15.52 24.35 -16.52
C THR A 509 -16.13 24.50 -17.91
N GLU A 510 -17.30 23.93 -18.11
N GLU A 510 -17.31 23.98 -18.15
CA GLU A 510 -18.02 24.05 -19.38
CA GLU A 510 -17.88 24.08 -19.50
C GLU A 510 -18.10 25.51 -19.83
C GLU A 510 -18.31 25.50 -19.87
N LYS A 511 -18.39 26.40 -18.88
CA LYS A 511 -18.61 27.81 -19.16
C LYS A 511 -17.31 28.62 -19.20
N ASN A 512 -16.25 28.00 -18.71
CA ASN A 512 -14.91 28.59 -18.63
C ASN A 512 -13.87 27.55 -19.16
N PRO A 513 -14.03 27.15 -20.44
CA PRO A 513 -13.36 25.90 -20.88
C PRO A 513 -11.92 26.11 -21.37
N TYR A 514 -11.03 26.56 -20.50
CA TYR A 514 -9.70 26.92 -20.93
C TYR A 514 -8.70 25.77 -20.90
N ALA A 515 -9.09 24.66 -20.28
CA ALA A 515 -8.28 23.46 -20.20
C ALA A 515 -9.15 22.28 -19.82
N VAL A 516 -8.71 21.06 -20.11
CA VAL A 516 -9.39 19.88 -19.59
C VAL A 516 -8.65 19.45 -18.33
N PRO A 517 -9.29 19.55 -17.15
CA PRO A 517 -8.53 19.44 -15.89
C PRO A 517 -8.32 18.01 -15.42
N ILE A 518 -7.56 17.27 -16.21
CA ILE A 518 -7.26 15.86 -15.93
C ILE A 518 -5.76 15.67 -15.95
N GLY A 519 -5.20 15.08 -14.89
CA GLY A 519 -3.78 14.88 -14.76
C GLY A 519 -3.32 13.44 -14.77
N TRP A 520 -4.21 12.52 -15.16
CA TRP A 520 -3.78 11.15 -15.43
C TRP A 520 -2.65 11.15 -16.45
N ASN A 521 -1.77 10.15 -16.39
CA ASN A 521 -0.82 10.00 -17.48
C ASN A 521 -1.55 9.94 -18.82
N GLY A 522 -1.03 10.68 -19.79
CA GLY A 522 -1.68 10.79 -21.09
C GLY A 522 -2.56 12.01 -21.26
N TRP A 523 -2.95 12.65 -20.15
CA TRP A 523 -3.90 13.75 -20.23
C TRP A 523 -3.25 15.12 -20.10
N TRP A 524 -2.02 15.18 -19.61
CA TRP A 524 -1.34 16.48 -19.56
C TRP A 524 -1.23 17.06 -20.96
N GLN A 525 -0.95 16.21 -21.94
CA GLN A 525 -0.81 16.61 -23.32
C GLN A 525 -2.16 16.81 -24.03
N LEU A 526 -3.25 16.46 -23.34
CA LEU A 526 -4.60 16.72 -23.81
C LEU A 526 -5.14 18.00 -23.18
N THR A 527 -4.20 18.85 -22.73
CA THR A 527 -4.38 20.20 -22.14
C THR A 527 -4.57 20.20 -20.64
N GLY A 528 -4.40 19.05 -19.97
CA GLY A 528 -4.36 19.04 -18.52
C GLY A 528 -3.37 20.08 -17.99
N ILE A 529 -2.25 20.23 -18.69
CA ILE A 529 -1.21 21.17 -18.25
C ILE A 529 -1.71 22.59 -18.16
N LYS A 530 -2.67 22.96 -19.00
CA LYS A 530 -3.13 24.35 -19.03
C LYS A 530 -3.96 24.71 -17.81
N THR A 531 -4.42 23.70 -17.08
CA THR A 531 -5.08 23.92 -15.78
C THR A 531 -4.24 24.80 -14.90
N LEU A 532 -2.94 24.54 -14.89
CA LEU A 532 -2.02 25.18 -13.95
C LEU A 532 -1.84 26.67 -14.19
N PHE A 533 -2.17 27.15 -15.38
CA PHE A 533 -1.92 28.55 -15.70
C PHE A 533 -3.15 29.40 -15.43
N GLY A 534 -4.30 28.76 -15.29
CA GLY A 534 -5.56 29.45 -15.10
C GLY A 534 -6.05 29.56 -13.66
N ILE A 535 -5.72 28.59 -12.83
CA ILE A 535 -6.22 28.59 -11.47
C ILE A 535 -5.61 29.74 -10.69
N GLU A 536 -6.34 30.21 -9.69
CA GLU A 536 -5.97 31.41 -8.97
C GLU A 536 -6.07 31.14 -7.48
N ALA A 537 -5.05 31.51 -6.75
CA ALA A 537 -5.08 31.35 -5.31
C ALA A 537 -5.73 32.50 -4.61
N LYS A 538 -6.88 32.16 -4.06
CA LYS A 538 -7.90 33.00 -3.44
C LYS A 538 -7.27 34.09 -2.63
N HIS A 539 -6.37 33.65 -1.81
CA HIS A 539 -5.61 34.55 -1.06
C HIS A 539 -4.14 34.45 -1.45
N HIS A 540 -3.48 35.57 -1.62
CA HIS A 540 -2.05 35.64 -1.47
C HIS A 540 -1.60 35.24 -0.08
N PHE B 3 -21.57 -4.06 4.30
CA PHE B 3 -21.71 -4.46 5.70
C PHE B 3 -22.60 -3.47 6.44
N GLU B 4 -23.59 -3.97 7.18
N GLU B 4 -23.57 -3.99 7.19
CA GLU B 4 -24.41 -3.08 8.01
CA GLU B 4 -24.40 -3.13 8.03
C GLU B 4 -23.52 -2.44 9.07
C GLU B 4 -23.52 -2.45 9.09
N ARG B 5 -23.48 -1.12 9.05
CA ARG B 5 -22.58 -0.33 9.89
C ARG B 5 -22.70 -0.64 11.37
N ASN B 6 -23.92 -0.82 11.85
CA ASN B 6 -24.16 -1.05 13.28
C ASN B 6 -23.82 -2.45 13.77
N LYS B 7 -23.43 -3.35 12.86
CA LYS B 7 -23.01 -4.68 13.24
C LYS B 7 -21.54 -4.92 12.95
N THR B 8 -20.86 -3.86 12.53
CA THR B 8 -19.46 -3.96 12.07
C THR B 8 -18.57 -3.08 12.93
N LEU B 9 -17.43 -3.65 13.33
CA LEU B 9 -16.41 -2.93 14.09
C LEU B 9 -15.23 -2.63 13.20
N TYR B 10 -14.94 -1.34 12.97
CA TYR B 10 -13.77 -0.94 12.20
C TYR B 10 -12.63 -0.61 13.15
N TRP B 11 -11.50 -1.29 12.94
CA TRP B 11 -10.37 -1.26 13.87
C TRP B 11 -9.08 -1.09 13.07
N GLY B 12 -8.14 -0.30 13.58
CA GLY B 12 -6.87 -0.18 12.92
C GLY B 12 -5.76 0.15 13.90
N GLY B 13 -4.54 0.09 13.42
CA GLY B 13 -3.37 0.44 14.22
C GLY B 13 -2.23 -0.54 14.10
N ALA B 14 -2.53 -1.76 13.61
CA ALA B 14 -1.54 -2.81 13.52
C ALA B 14 -1.29 -3.35 12.12
N LEU B 15 -1.95 -2.79 11.11
CA LEU B 15 -1.81 -3.31 9.75
C LEU B 15 -1.08 -2.31 8.85
N TRP B 16 0.21 -2.54 8.63
CA TRP B 16 1.07 -1.56 7.98
C TRP B 16 1.70 -2.13 6.72
N SER B 17 1.14 -3.26 6.25
N SER B 17 1.14 -3.26 6.28
N SER B 17 1.12 -3.24 6.26
CA SER B 17 1.52 -3.83 4.97
CA SER B 17 1.47 -3.89 5.03
CA SER B 17 1.50 -3.92 5.03
C SER B 17 0.30 -4.59 4.47
C SER B 17 0.16 -4.42 4.44
C SER B 17 0.22 -4.53 4.47
N PRO B 18 0.16 -4.75 3.14
CA PRO B 18 -1.03 -5.41 2.61
C PRO B 18 -1.17 -6.80 3.19
N PRO B 19 -2.38 -7.17 3.61
CA PRO B 19 -2.56 -8.51 4.19
C PRO B 19 -2.28 -9.61 3.19
N SER B 20 -1.43 -10.57 3.58
CA SER B 20 -1.07 -11.62 2.65
C SER B 20 -0.73 -12.92 3.36
N ASN B 21 -0.71 -12.88 4.68
CA ASN B 21 -0.23 -14.04 5.46
C ASN B 21 -0.98 -14.16 6.77
N TRP B 22 -1.38 -15.40 7.11
CA TRP B 22 -2.10 -15.69 8.35
C TRP B 22 -1.51 -16.95 8.98
N ASN B 23 -0.20 -17.09 8.84
CA ASN B 23 0.52 -18.27 9.33
C ASN B 23 0.87 -18.06 10.80
N PRO B 24 0.30 -18.89 11.70
CA PRO B 24 0.56 -18.73 13.13
C PRO B 24 1.99 -19.03 13.54
N PHE B 25 2.76 -19.65 12.65
CA PHE B 25 4.16 -19.95 12.94
C PHE B 25 5.06 -18.78 12.64
N THR B 26 4.54 -17.81 11.89
CA THR B 26 5.31 -16.63 11.54
C THR B 26 4.55 -15.36 11.86
N PRO B 27 4.33 -15.09 13.14
CA PRO B 27 3.47 -13.96 13.48
C PRO B 27 4.07 -12.60 13.10
N TRP B 28 5.36 -12.55 12.79
CA TRP B 28 5.98 -11.31 12.32
C TRP B 28 5.47 -10.90 10.93
N ASN B 29 5.00 -11.87 10.14
CA ASN B 29 4.44 -11.59 8.83
C ASN B 29 2.92 -11.70 8.77
N ALA B 30 2.33 -12.32 9.79
CA ALA B 30 0.90 -12.56 9.78
C ALA B 30 0.12 -11.29 10.11
N VAL B 31 -1.07 -11.19 9.53
CA VAL B 31 -2.02 -10.12 9.86
C VAL B 31 -2.34 -10.12 11.36
N ALA B 32 -2.24 -8.95 12.00
CA ALA B 32 -2.51 -8.86 13.44
C ALA B 32 -3.91 -9.35 13.74
N GLY B 33 -4.01 -10.20 14.75
CA GLY B 33 -5.25 -10.86 15.06
C GLY B 33 -5.24 -12.31 14.66
N THR B 34 -4.35 -12.67 13.74
CA THR B 34 -4.11 -14.08 13.44
C THR B 34 -3.91 -14.84 14.75
N ILE B 35 -3.08 -14.29 15.63
CA ILE B 35 -3.02 -14.76 17.00
C ILE B 35 -3.99 -13.93 17.83
N GLY B 36 -5.04 -14.56 18.34
CA GLY B 36 -6.05 -13.89 19.13
C GLY B 36 -7.46 -14.05 18.61
N LEU B 37 -7.71 -13.53 17.41
CA LEU B 37 -9.01 -13.69 16.80
C LEU B 37 -9.15 -15.09 16.22
N VAL B 38 -8.09 -15.61 15.64
CA VAL B 38 -8.17 -16.87 14.90
C VAL B 38 -7.54 -18.02 15.66
N TYR B 39 -6.25 -17.91 15.98
CA TYR B 39 -5.58 -18.92 16.79
C TYR B 39 -5.52 -18.46 18.25
N GLU B 40 -5.72 -19.40 19.15
CA GLU B 40 -5.88 -19.11 20.58
C GLU B 40 -4.77 -19.69 21.45
N PRO B 41 -4.53 -19.03 22.60
CA PRO B 41 -3.50 -19.47 23.56
C PRO B 41 -4.12 -20.28 24.69
N LEU B 42 -3.25 -20.96 25.42
CA LEU B 42 -3.71 -21.71 26.58
C LEU B 42 -4.23 -20.81 27.69
N PHE B 43 -3.58 -19.67 27.87
CA PHE B 43 -3.91 -18.69 28.89
C PHE B 43 -3.91 -17.28 28.33
N LEU B 44 -4.68 -16.40 28.98
CA LEU B 44 -4.46 -14.97 28.86
C LEU B 44 -3.60 -14.53 30.04
N TYR B 45 -3.00 -13.36 29.96
CA TYR B 45 -2.35 -12.74 31.13
C TYR B 45 -2.84 -11.31 31.25
N ASP B 46 -3.31 -10.94 32.45
CA ASP B 46 -3.76 -9.57 32.71
C ASP B 46 -2.63 -8.75 33.30
N PRO B 47 -2.07 -7.84 32.51
CA PRO B 47 -0.92 -7.09 33.00
C PRO B 47 -1.28 -6.05 34.05
N LEU B 48 -2.57 -5.76 34.20
CA LEU B 48 -3.00 -4.80 35.22
C LEU B 48 -3.00 -5.41 36.62
N ASN B 49 -3.03 -6.73 36.68
CA ASN B 49 -3.12 -7.42 37.97
C ASN B 49 -2.13 -8.57 38.13
N ASP B 50 -1.24 -8.74 37.16
N ASP B 50 -1.28 -8.72 37.12
CA ASP B 50 -0.26 -9.81 37.21
CA ASP B 50 -0.28 -9.77 37.07
C ASP B 50 -0.94 -11.14 37.46
C ASP B 50 -0.90 -11.12 37.40
N LYS B 51 -1.96 -11.44 36.66
CA LYS B 51 -2.74 -12.65 36.87
C LYS B 51 -3.06 -13.39 35.60
N PHE B 52 -2.79 -14.69 35.59
CA PHE B 52 -3.15 -15.56 34.46
C PHE B 52 -4.64 -15.87 34.49
N GLU B 53 -5.22 -15.94 33.31
CA GLU B 53 -6.60 -16.36 33.14
C GLU B 53 -6.64 -17.56 32.23
N PRO B 54 -7.15 -18.70 32.69
CA PRO B 54 -7.25 -19.88 31.84
C PRO B 54 -8.10 -19.60 30.61
N TRP B 55 -7.60 -19.93 29.41
CA TRP B 55 -8.37 -19.71 28.19
C TRP B 55 -8.70 -21.06 27.53
N LEU B 56 -7.89 -21.57 26.63
CA LEU B 56 -8.12 -22.94 26.14
C LEU B 56 -7.92 -23.90 27.31
N ALA B 57 -7.00 -23.56 28.20
CA ALA B 57 -6.79 -24.36 29.41
C ALA B 57 -7.92 -24.14 30.40
N GLU B 58 -8.26 -25.18 31.15
CA GLU B 58 -9.11 -25.02 32.32
C GLU B 58 -8.25 -24.58 33.52
N LYS B 59 -7.08 -25.18 33.65
CA LYS B 59 -6.13 -24.82 34.69
C LYS B 59 -4.74 -25.32 34.37
N GLY B 60 -3.74 -24.79 35.05
CA GLY B 60 -2.39 -25.30 34.88
C GLY B 60 -1.59 -25.01 36.13
N GLU B 61 -0.71 -25.94 36.49
CA GLU B 61 0.10 -25.73 37.70
C GLU B 61 1.37 -26.57 37.70
N TRP B 62 2.41 -26.04 38.33
CA TRP B 62 3.56 -26.86 38.65
C TRP B 62 3.19 -27.81 39.78
N VAL B 63 3.45 -29.10 39.58
CA VAL B 63 3.14 -30.13 40.58
C VAL B 63 4.41 -30.68 41.20
N SER B 64 5.54 -30.12 40.79
CA SER B 64 6.85 -30.42 41.35
C SER B 64 7.81 -29.41 40.75
N ASN B 65 9.09 -29.48 41.12
N ASN B 65 9.08 -29.52 41.12
CA ASN B 65 10.03 -28.51 40.55
CA ASN B 65 10.13 -28.64 40.60
C ASN B 65 10.15 -28.63 39.02
C ASN B 65 10.30 -28.70 39.08
N ASN B 66 9.87 -29.80 38.47
CA ASN B 66 10.10 -29.98 37.04
C ASN B 66 8.93 -30.55 36.24
N GLU B 67 7.74 -30.54 36.82
CA GLU B 67 6.56 -31.04 36.12
C GLU B 67 5.42 -30.04 36.20
N TYR B 68 4.84 -29.76 35.04
CA TYR B 68 3.75 -28.82 34.91
C TYR B 68 2.56 -29.55 34.33
N VAL B 69 1.44 -29.56 35.06
CA VAL B 69 0.27 -30.27 34.61
C VAL B 69 -0.75 -29.30 34.04
N LEU B 70 -1.14 -29.54 32.77
CA LEU B 70 -2.05 -28.69 32.06
C LEU B 70 -3.38 -29.42 31.85
N THR B 71 -4.46 -28.77 32.24
CA THR B 71 -5.80 -29.34 32.08
C THR B 71 -6.56 -28.54 31.03
N LEU B 72 -6.90 -29.19 29.92
CA LEU B 72 -7.69 -28.55 28.86
C LEU B 72 -9.17 -28.43 29.21
N ARG B 73 -9.77 -27.33 28.81
CA ARG B 73 -11.21 -27.13 28.95
C ARG B 73 -11.93 -28.17 28.11
N LYS B 74 -13.09 -28.62 28.57
CA LYS B 74 -13.89 -29.54 27.75
C LYS B 74 -14.67 -28.73 26.71
N GLY B 75 -15.01 -29.36 25.60
CA GLY B 75 -15.88 -28.74 24.60
C GLY B 75 -15.24 -27.77 23.63
N LEU B 76 -13.93 -27.85 23.49
CA LEU B 76 -13.20 -26.99 22.55
C LEU B 76 -13.34 -27.52 21.13
N ARG B 77 -13.44 -26.61 20.16
CA ARG B 77 -13.63 -27.01 18.77
C ARG B 77 -12.89 -26.10 17.81
N TRP B 78 -12.31 -26.69 16.78
CA TRP B 78 -11.77 -25.92 15.67
C TRP B 78 -12.91 -25.31 14.86
N GLN B 79 -12.60 -24.27 14.10
CA GLN B 79 -13.63 -23.58 13.33
C GLN B 79 -14.26 -24.47 12.24
N ASP B 80 -13.60 -25.58 11.89
CA ASP B 80 -14.16 -26.49 10.90
C ASP B 80 -14.96 -27.62 11.56
N GLY B 81 -15.18 -27.51 12.86
CA GLY B 81 -16.00 -28.44 13.61
C GLY B 81 -15.28 -29.60 14.27
N VAL B 82 -14.03 -29.83 13.89
CA VAL B 82 -13.20 -30.88 14.48
C VAL B 82 -12.88 -30.51 15.93
N PRO B 83 -13.07 -31.46 16.87
CA PRO B 83 -12.76 -31.13 18.27
C PRO B 83 -11.32 -30.72 18.45
N LEU B 84 -11.09 -29.77 19.34
CA LEU B 84 -9.73 -29.40 19.75
C LEU B 84 -9.46 -30.12 21.06
N THR B 85 -8.44 -30.96 21.05
CA THR B 85 -8.14 -31.80 22.21
C THR B 85 -6.69 -31.67 22.62
N ALA B 86 -6.30 -32.43 23.64
CA ALA B 86 -4.92 -32.42 24.08
C ALA B 86 -3.97 -32.90 22.99
N ASP B 87 -4.47 -33.72 22.05
CA ASP B 87 -3.73 -34.14 20.87
C ASP B 87 -3.12 -32.92 20.14
N ASP B 88 -3.92 -31.86 20.05
CA ASP B 88 -3.50 -30.66 19.33
C ASP B 88 -2.43 -29.91 20.09
N VAL B 89 -2.57 -29.88 21.42
CA VAL B 89 -1.54 -29.23 22.23
C VAL B 89 -0.24 -29.99 22.15
N VAL B 90 -0.31 -31.32 22.27
CA VAL B 90 0.89 -32.12 22.11
C VAL B 90 1.53 -31.85 20.75
N PHE B 91 0.73 -31.87 19.70
CA PHE B 91 1.23 -31.63 18.34
C PHE B 91 1.89 -30.26 18.21
N THR B 92 1.25 -29.25 18.78
CA THR B 92 1.74 -27.89 18.71
C THR B 92 3.18 -27.81 19.21
N PHE B 93 3.49 -28.58 20.27
CA PHE B 93 4.84 -28.60 20.78
C PHE B 93 5.74 -29.55 19.97
N GLU B 94 5.25 -30.75 19.71
CA GLU B 94 6.12 -31.77 19.10
C GLU B 94 6.49 -31.49 17.65
N ILE B 95 5.72 -30.64 16.97
CA ILE B 95 6.06 -30.29 15.59
C ILE B 95 7.42 -29.59 15.54
N ALA B 96 7.76 -28.85 16.60
CA ALA B 96 9.01 -28.10 16.64
C ALA B 96 10.20 -28.95 17.05
N LYS B 97 9.98 -30.23 17.30
CA LYS B 97 11.07 -31.13 17.67
C LYS B 97 11.95 -31.45 16.46
N LYS B 98 11.34 -31.90 15.37
CA LYS B 98 12.09 -32.17 14.14
C LYS B 98 12.22 -30.94 13.25
N TYR B 99 11.23 -30.05 13.31
CA TYR B 99 11.28 -28.85 12.49
C TYR B 99 11.99 -27.74 13.28
N THR B 100 13.31 -27.81 13.31
CA THR B 100 14.12 -26.92 14.11
C THR B 100 14.00 -25.46 13.68
N GLY B 101 13.51 -25.22 12.46
CA GLY B 101 13.34 -23.87 11.97
C GLY B 101 12.15 -23.13 12.58
N ILE B 102 11.24 -23.86 13.20
CA ILE B 102 10.13 -23.22 13.92
C ILE B 102 10.71 -22.43 15.10
N SER B 103 10.16 -21.23 15.33
CA SER B 103 10.77 -20.30 16.27
C SER B 103 10.95 -20.89 17.67
N TYR B 104 9.97 -21.64 18.15
CA TYR B 104 10.06 -22.15 19.51
C TYR B 104 10.66 -23.56 19.62
N SER B 105 11.31 -24.04 18.55
CA SER B 105 11.97 -25.34 18.61
C SER B 105 12.99 -25.48 19.75
N PRO B 106 13.70 -24.41 20.18
CA PRO B 106 14.60 -24.63 21.31
C PRO B 106 13.92 -25.02 22.64
N VAL B 107 12.58 -25.02 22.70
CA VAL B 107 11.91 -25.49 23.93
C VAL B 107 12.36 -26.91 24.24
N TRP B 108 12.67 -27.69 23.20
CA TRP B 108 13.04 -29.09 23.41
C TRP B 108 14.46 -29.26 23.97
N ASN B 109 15.18 -28.16 24.15
CA ASN B 109 16.44 -28.20 24.89
C ASN B 109 16.21 -28.30 26.42
N TRP B 110 15.01 -27.92 26.87
CA TRP B 110 14.74 -27.90 28.31
C TRP B 110 13.43 -28.59 28.69
N LEU B 111 12.55 -28.80 27.72
CA LEU B 111 11.40 -29.68 27.87
C LEU B 111 11.84 -31.09 27.48
N GLY B 112 11.57 -32.07 28.34
CA GLY B 112 11.97 -33.45 28.06
C GLY B 112 10.90 -34.25 27.34
N ARG B 113 9.69 -34.25 27.88
CA ARG B 113 8.60 -34.99 27.29
C ARG B 113 7.24 -34.49 27.76
N ILE B 114 6.19 -34.84 27.01
CA ILE B 114 4.82 -34.51 27.38
C ILE B 114 4.04 -35.79 27.57
N GLU B 115 3.61 -36.06 28.79
CA GLU B 115 2.84 -37.27 29.08
C GLU B 115 1.36 -37.02 29.02
N ARG B 116 0.62 -37.99 28.47
CA ARG B 116 -0.83 -37.92 28.47
C ARG B 116 -1.37 -38.52 29.77
N VAL B 117 -1.90 -37.68 30.64
CA VAL B 117 -2.37 -38.12 31.95
C VAL B 117 -3.78 -38.72 31.86
N ASP B 118 -4.70 -37.97 31.27
CA ASP B 118 -6.00 -38.51 30.90
C ASP B 118 -6.47 -37.83 29.62
N GLU B 119 -7.78 -37.89 29.37
N GLU B 119 -7.77 -37.91 29.33
CA GLU B 119 -8.36 -37.41 28.11
CA GLU B 119 -8.29 -37.41 28.05
C GLU B 119 -8.00 -35.95 27.80
C GLU B 119 -7.91 -35.96 27.79
N ARG B 120 -7.90 -35.13 28.84
CA ARG B 120 -7.63 -33.70 28.61
C ARG B 120 -6.54 -33.13 29.48
N THR B 121 -5.71 -34.00 30.05
CA THR B 121 -4.64 -33.56 30.95
C THR B 121 -3.28 -34.00 30.43
N LEU B 122 -2.35 -33.03 30.42
CA LEU B 122 -0.99 -33.27 29.97
C LEU B 122 -0.04 -32.95 31.11
N LYS B 123 1.01 -33.75 31.23
CA LYS B 123 2.08 -33.43 32.16
C LYS B 123 3.36 -33.14 31.38
N PHE B 124 3.82 -31.88 31.46
CA PHE B 124 5.06 -31.47 30.83
C PHE B 124 6.21 -31.76 31.78
N VAL B 125 7.15 -32.60 31.35
CA VAL B 125 8.28 -33.01 32.20
C VAL B 125 9.53 -32.32 31.66
N PHE B 126 10.16 -31.46 32.48
CA PHE B 126 11.28 -30.63 32.04
C PHE B 126 12.62 -31.18 32.50
N SER B 127 13.61 -31.16 31.61
CA SER B 127 14.98 -31.49 31.99
C SER B 127 15.64 -30.26 32.63
N ASP B 128 15.09 -29.09 32.35
CA ASP B 128 15.69 -27.83 32.77
C ASP B 128 14.56 -26.80 32.91
N PRO B 129 13.98 -26.69 34.11
CA PRO B 129 12.77 -25.89 34.28
C PRO B 129 13.04 -24.39 34.14
N ARG B 130 12.75 -23.86 32.96
CA ARG B 130 12.93 -22.42 32.71
C ARG B 130 11.59 -21.72 33.00
N TYR B 131 11.39 -21.41 34.27
CA TYR B 131 10.11 -20.93 34.77
C TYR B 131 9.63 -19.64 34.11
N GLN B 132 10.55 -18.69 33.90
CA GLN B 132 10.14 -17.39 33.39
C GLN B 132 9.66 -17.52 31.96
N GLU B 133 10.43 -18.22 31.12
CA GLU B 133 10.10 -18.40 29.72
C GLU B 133 8.84 -19.25 29.55
N TRP B 134 8.64 -20.21 30.44
CA TRP B 134 7.43 -21.02 30.41
C TRP B 134 6.17 -20.15 30.55
N LYS B 135 6.21 -19.15 31.44
CA LYS B 135 5.11 -18.20 31.55
C LYS B 135 4.80 -17.56 30.20
N GLN B 136 5.86 -17.17 29.49
CA GLN B 136 5.65 -16.54 28.18
C GLN B 136 5.07 -17.52 27.17
N MET B 137 5.54 -18.76 27.19
CA MET B 137 5.00 -19.73 26.25
C MET B 137 3.50 -20.01 26.48
N LEU B 138 3.07 -19.99 27.73
CA LEU B 138 1.69 -20.26 28.07
C LEU B 138 0.72 -19.25 27.44
N ILE B 139 1.15 -18.01 27.27
CA ILE B 139 0.28 -17.01 26.68
C ILE B 139 0.57 -16.71 25.23
N ASN B 140 1.76 -17.06 24.75
CA ASN B 140 2.14 -16.66 23.38
C ASN B 140 2.14 -17.77 22.35
N THR B 141 2.13 -19.04 22.77
CA THR B 141 2.18 -20.13 21.82
C THR B 141 0.78 -20.44 21.35
N PRO B 142 0.47 -20.18 20.08
CA PRO B 142 -0.88 -20.49 19.63
C PRO B 142 -1.03 -21.99 19.43
N ILE B 143 -2.19 -22.50 19.78
CA ILE B 143 -2.46 -23.91 19.54
C ILE B 143 -2.95 -24.11 18.10
N VAL B 144 -2.33 -25.07 17.40
CA VAL B 144 -2.61 -25.30 15.97
C VAL B 144 -3.22 -26.68 15.76
N PRO B 145 -4.05 -26.82 14.72
CA PRO B 145 -4.75 -28.09 14.49
C PRO B 145 -3.90 -29.17 13.83
N LYS B 146 -3.68 -30.25 14.57
CA LYS B 146 -2.91 -31.38 14.10
C LYS B 146 -3.47 -31.92 12.76
N HIS B 147 -4.78 -31.98 12.65
CA HIS B 147 -5.38 -32.58 11.45
C HIS B 147 -5.16 -31.75 10.18
N ILE B 148 -4.69 -30.51 10.33
CA ILE B 148 -4.42 -29.66 9.19
C ILE B 148 -2.91 -29.57 8.90
N TRP B 149 -2.09 -29.57 9.96
CA TRP B 149 -0.65 -29.30 9.76
C TRP B 149 0.26 -30.52 9.80
N GLU B 150 -0.27 -31.68 10.17
CA GLU B 150 0.60 -32.81 10.50
C GLU B 150 1.36 -33.39 9.32
N ASN B 151 0.91 -33.17 8.10
CA ASN B 151 1.62 -33.75 6.97
C ASN B 151 2.33 -32.71 6.11
N LYS B 152 2.50 -31.51 6.67
CA LYS B 152 3.18 -30.46 5.92
C LYS B 152 4.70 -30.57 6.14
N THR B 153 5.46 -30.22 5.10
CA THR B 153 6.90 -30.18 5.23
C THR B 153 7.27 -28.94 6.02
N GLU B 154 8.50 -28.87 6.51
CA GLU B 154 8.94 -27.70 7.26
C GLU B 154 8.86 -26.44 6.40
N GLU B 155 9.12 -26.58 5.11
CA GLU B 155 9.04 -25.44 4.20
C GLU B 155 7.63 -24.87 4.13
N GLU B 156 6.61 -25.71 4.01
CA GLU B 156 5.25 -25.16 4.00
C GLU B 156 4.82 -24.64 5.37
N VAL B 157 5.26 -25.31 6.44
CA VAL B 157 4.95 -24.80 7.77
C VAL B 157 5.48 -23.37 7.94
N LEU B 158 6.67 -23.10 7.39
CA LEU B 158 7.32 -21.80 7.58
C LEU B 158 7.00 -20.78 6.50
N GLN B 159 6.60 -21.23 5.32
CA GLN B 159 6.44 -20.29 4.20
C GLN B 159 5.02 -20.13 3.70
N ALA B 160 4.13 -21.06 4.05
CA ALA B 160 2.75 -20.99 3.56
C ALA B 160 2.06 -19.73 4.03
N ALA B 161 1.29 -19.11 3.12
CA ALA B 161 0.50 -17.94 3.47
C ALA B 161 -0.64 -18.27 4.42
N ASN B 162 -1.13 -19.51 4.34
CA ASN B 162 -2.21 -19.99 5.19
C ASN B 162 -3.47 -19.12 5.04
N GLU B 163 -3.83 -18.81 3.80
CA GLU B 163 -5.06 -18.12 3.51
C GLU B 163 -6.26 -18.91 4.02
N ASN B 164 -7.31 -18.20 4.40
CA ASN B 164 -8.50 -18.81 5.01
C ASN B 164 -8.10 -19.69 6.18
N PRO B 165 -7.40 -19.12 7.18
CA PRO B 165 -6.88 -19.93 8.27
C PRO B 165 -7.97 -20.63 9.08
N VAL B 166 -7.72 -21.89 9.43
CA VAL B 166 -8.62 -22.62 10.32
C VAL B 166 -8.06 -22.61 11.75
N GLY B 167 -8.57 -21.69 12.55
CA GLY B 167 -8.20 -21.63 13.96
C GLY B 167 -9.36 -22.12 14.81
N SER B 168 -9.36 -21.74 16.08
CA SER B 168 -10.42 -22.12 17.00
C SER B 168 -11.14 -20.92 17.58
N GLY B 169 -10.68 -19.72 17.17
CA GLY B 169 -11.11 -18.47 17.76
C GLY B 169 -12.46 -17.92 17.35
N PRO B 170 -12.85 -16.79 17.94
CA PRO B 170 -14.17 -16.23 17.75
C PRO B 170 -14.42 -15.62 16.37
N TYR B 171 -13.37 -15.40 15.59
CA TYR B 171 -13.53 -14.86 14.22
C TYR B 171 -12.70 -15.64 13.22
N TYR B 172 -13.18 -15.73 11.99
CA TYR B 172 -12.38 -16.29 10.89
C TYR B 172 -12.19 -15.21 9.83
N VAL B 173 -11.40 -15.51 8.80
CA VAL B 173 -11.14 -14.49 7.79
C VAL B 173 -12.15 -14.65 6.65
N GLU B 174 -12.93 -13.61 6.40
CA GLU B 174 -13.93 -13.67 5.34
C GLU B 174 -13.36 -13.22 3.99
N SER B 175 -12.58 -12.14 4.02
CA SER B 175 -12.01 -11.57 2.81
C SER B 175 -10.88 -10.61 3.18
N TRP B 176 -10.11 -10.18 2.17
CA TRP B 176 -9.06 -9.21 2.43
C TRP B 176 -8.73 -8.49 1.13
N ALA B 177 -8.09 -7.34 1.27
CA ALA B 177 -7.68 -6.52 0.14
C ALA B 177 -6.49 -5.72 0.58
N ASP B 178 -5.99 -4.89 -0.34
CA ASP B 178 -4.80 -4.09 -0.11
C ASP B 178 -4.89 -3.28 1.18
N ASP B 179 -6.08 -2.84 1.54
CA ASP B 179 -6.23 -1.95 2.69
C ASP B 179 -6.95 -2.57 3.90
N ARG B 180 -7.23 -3.88 3.88
CA ARG B 180 -8.03 -4.43 4.99
C ARG B 180 -8.02 -5.96 5.08
N CYS B 181 -8.26 -6.45 6.29
CA CYS B 181 -8.64 -7.84 6.48
C CYS B 181 -9.99 -7.88 7.16
N VAL B 182 -10.96 -8.59 6.56
CA VAL B 182 -12.30 -8.62 7.11
C VAL B 182 -12.48 -9.91 7.88
N PHE B 183 -12.65 -9.80 9.19
CA PHE B 183 -12.91 -10.94 10.05
C PHE B 183 -14.43 -11.07 10.27
N LYS B 184 -14.93 -12.29 10.16
CA LYS B 184 -16.34 -12.56 10.37
C LYS B 184 -16.53 -13.43 11.61
N LYS B 185 -17.58 -13.14 12.36
CA LYS B 185 -17.86 -13.85 13.59
C LYS B 185 -18.11 -15.34 13.34
N ASN B 186 -17.41 -16.17 14.11
CA ASN B 186 -17.61 -17.60 14.18
C ASN B 186 -18.80 -17.87 15.11
N GLY B 187 -19.99 -18.05 14.51
CA GLY B 187 -21.19 -18.28 15.30
C GLY B 187 -21.13 -19.52 16.19
N ASN B 188 -20.22 -20.43 15.90
CA ASN B 188 -20.10 -21.66 16.68
C ASN B 188 -18.89 -21.67 17.59
N TRP B 189 -18.30 -20.49 17.86
CA TRP B 189 -17.13 -20.41 18.72
C TRP B 189 -17.42 -21.07 20.07
N TRP B 190 -16.50 -21.93 20.47
CA TRP B 190 -16.68 -22.72 21.70
C TRP B 190 -16.88 -21.83 22.93
N GLY B 191 -16.35 -20.62 22.90
CA GLY B 191 -16.43 -19.72 24.03
C GLY B 191 -17.85 -19.28 24.36
N ILE B 192 -18.72 -19.32 23.37
CA ILE B 192 -20.09 -18.91 23.58
C ILE B 192 -20.77 -19.85 24.58
N ARG B 193 -20.71 -21.15 24.29
CA ARG B 193 -21.29 -22.15 25.19
C ARG B 193 -20.48 -22.31 26.46
N GLU B 194 -19.18 -22.54 26.33
CA GLU B 194 -18.38 -22.95 27.47
C GLU B 194 -18.02 -21.81 28.43
N LEU B 195 -18.03 -20.57 27.94
CA LEU B 195 -17.65 -19.43 28.77
C LEU B 195 -18.77 -18.42 29.00
N GLY B 196 -19.73 -18.37 28.09
CA GLY B 196 -20.80 -17.39 28.15
C GLY B 196 -20.35 -16.04 27.58
N TYR B 197 -19.27 -16.07 26.81
CA TYR B 197 -18.77 -14.88 26.12
C TYR B 197 -19.27 -14.86 24.69
N ASP B 198 -19.94 -13.78 24.31
CA ASP B 198 -20.52 -13.69 22.99
C ASP B 198 -20.14 -12.35 22.36
N PRO B 199 -19.14 -12.35 21.46
CA PRO B 199 -18.72 -11.07 20.86
C PRO B 199 -19.81 -10.49 19.99
N LYS B 200 -20.17 -9.21 20.18
CA LYS B 200 -21.29 -8.63 19.45
C LYS B 200 -21.00 -8.30 17.98
N PRO B 201 -19.79 -7.76 17.67
CA PRO B 201 -19.61 -7.44 16.22
C PRO B 201 -19.74 -8.64 15.31
N GLU B 202 -20.56 -8.50 14.27
CA GLU B 202 -20.68 -9.58 13.29
C GLU B 202 -19.45 -9.66 12.41
N ARG B 203 -18.84 -8.50 12.19
CA ARG B 203 -17.58 -8.42 11.47
C ARG B 203 -16.64 -7.45 12.17
N ILE B 204 -15.35 -7.75 12.10
CA ILE B 204 -14.30 -6.82 12.47
C ILE B 204 -13.48 -6.54 11.22
N VAL B 205 -13.47 -5.28 10.81
CA VAL B 205 -12.73 -4.89 9.63
C VAL B 205 -11.45 -4.26 10.12
N GLU B 206 -10.33 -4.96 9.95
CA GLU B 206 -9.04 -4.39 10.28
C GLU B 206 -8.55 -3.56 9.11
N LEU B 207 -8.38 -2.26 9.34
CA LEU B 207 -8.03 -1.30 8.28
C LEU B 207 -6.57 -0.92 8.28
N ARG B 208 -6.03 -0.73 7.07
CA ARG B 208 -4.68 -0.24 6.84
C ARG B 208 -4.77 1.19 6.30
N VAL B 209 -3.92 2.09 6.80
CA VAL B 209 -3.71 3.41 6.23
C VAL B 209 -2.24 3.66 6.00
N LEU B 210 -1.90 4.67 5.17
CA LEU B 210 -0.50 4.95 4.87
C LEU B 210 0.17 5.84 5.91
N SER B 211 -0.63 6.53 6.71
N SER B 211 -0.63 6.50 6.74
N SER B 211 -0.63 6.51 6.72
CA SER B 211 -0.15 7.42 7.76
CA SER B 211 -0.09 7.35 7.78
CA SER B 211 -0.11 7.38 7.77
C SER B 211 -1.16 7.58 8.88
C SER B 211 -1.13 7.59 8.86
C SER B 211 -1.14 7.54 8.88
N ASN B 212 -0.66 7.81 10.09
CA ASN B 212 -1.55 8.08 11.22
C ASN B 212 -2.53 9.22 10.93
N ASN B 213 -2.10 10.19 10.14
CA ASN B 213 -2.96 11.34 9.84
C ASN B 213 -4.27 10.94 9.15
N VAL B 214 -4.24 9.84 8.40
CA VAL B 214 -5.47 9.36 7.74
C VAL B 214 -6.47 8.84 8.76
N ALA B 215 -5.95 8.19 9.79
CA ALA B 215 -6.79 7.66 10.85
C ALA B 215 -7.50 8.77 11.64
N VAL B 216 -6.88 9.94 11.75
CA VAL B 216 -7.52 11.06 12.45
C VAL B 216 -8.87 11.39 11.85
N GLY B 217 -8.92 11.57 10.54
CA GLY B 217 -10.16 11.91 9.88
C GLY B 217 -11.22 10.84 10.00
N MET B 218 -10.79 9.57 9.95
N MET B 218 -10.79 9.57 9.95
CA MET B 218 -11.73 8.46 10.08
CA MET B 218 -11.71 8.46 10.08
C MET B 218 -12.36 8.45 11.46
C MET B 218 -12.35 8.43 11.46
N LEU B 219 -11.54 8.66 12.49
CA LEU B 219 -12.05 8.64 13.86
C LEU B 219 -13.03 9.81 14.05
N MET B 220 -12.67 10.98 13.52
CA MET B 220 -13.51 12.18 13.61
C MET B 220 -14.89 11.98 12.99
N LYS B 221 -14.96 11.22 11.92
CA LYS B 221 -16.21 10.99 11.20
C LYS B 221 -16.92 9.71 11.62
N GLY B 222 -16.36 9.01 12.61
CA GLY B 222 -16.95 7.77 13.07
C GLY B 222 -16.88 6.66 12.05
N GLU B 223 -15.86 6.70 11.19
CA GLU B 223 -15.64 5.67 10.21
C GLU B 223 -14.69 4.60 10.77
N LEU B 224 -13.99 5.01 11.81
CA LEU B 224 -13.14 4.12 12.58
C LEU B 224 -13.74 4.03 13.98
N ASP B 225 -13.90 2.82 14.51
CA ASP B 225 -14.43 2.63 15.87
C ASP B 225 -13.33 2.53 16.92
N TRP B 226 -12.34 1.71 16.61
CA TRP B 226 -11.32 1.30 17.57
C TRP B 226 -9.97 1.64 17.01
N SER B 227 -9.31 2.63 17.58
CA SER B 227 -7.97 3.01 17.12
C SER B 227 -6.88 2.56 18.06
N ASN B 228 -5.93 1.79 17.53
CA ASN B 228 -4.65 1.56 18.17
C ASN B 228 -3.56 2.29 17.39
N PHE B 229 -3.94 3.38 16.73
CA PHE B 229 -2.99 4.32 16.12
C PHE B 229 -2.53 5.32 17.15
N PHE B 230 -1.29 5.80 17.05
CA PHE B 230 -1.00 7.06 17.70
C PHE B 230 -1.73 8.17 16.97
N LEU B 231 -2.52 8.95 17.69
CA LEU B 231 -3.16 10.13 17.14
C LEU B 231 -2.74 11.36 17.94
N PRO B 232 -2.37 12.44 17.25
CA PRO B 232 -2.06 13.66 18.01
C PRO B 232 -3.34 14.41 18.37
N GLY B 233 -3.23 15.45 19.19
CA GLY B 233 -4.38 16.31 19.46
C GLY B 233 -5.54 15.60 20.15
N VAL B 234 -5.21 14.75 21.09
CA VAL B 234 -6.23 13.96 21.80
C VAL B 234 -7.23 14.84 22.58
N PRO B 235 -6.76 15.92 23.25
CA PRO B 235 -7.75 16.75 23.96
C PRO B 235 -8.84 17.27 23.05
N VAL B 236 -8.48 17.66 21.84
CA VAL B 236 -9.49 18.13 20.88
C VAL B 236 -10.39 16.99 20.39
N LEU B 237 -9.81 15.82 20.17
CA LEU B 237 -10.59 14.66 19.78
C LEU B 237 -11.69 14.35 20.81
N LYS B 238 -11.32 14.43 22.08
CA LYS B 238 -12.24 14.11 23.15
C LYS B 238 -13.32 15.18 23.29
N LYS B 239 -12.94 16.45 23.20
CA LYS B 239 -13.94 17.50 23.47
C LYS B 239 -14.84 17.74 22.26
N ALA B 240 -14.30 17.59 21.05
CA ALA B 240 -15.06 17.93 19.85
C ALA B 240 -15.71 16.75 19.15
N TYR B 241 -15.19 15.53 19.36
CA TYR B 241 -15.69 14.38 18.61
C TYR B 241 -16.11 13.21 19.51
N GLY B 242 -16.16 13.44 20.80
CA GLY B 242 -16.67 12.46 21.75
C GLY B 242 -15.84 11.20 21.85
N ILE B 243 -14.54 11.35 21.58
CA ILE B 243 -13.64 10.21 21.58
C ILE B 243 -13.30 9.79 23.01
N VAL B 244 -13.19 8.48 23.23
N VAL B 244 -13.24 8.48 23.24
CA VAL B 244 -12.96 7.94 24.57
CA VAL B 244 -12.92 7.98 24.57
C VAL B 244 -11.58 7.25 24.66
C VAL B 244 -11.50 7.40 24.60
N THR B 245 -10.88 7.47 25.77
CA THR B 245 -9.55 6.92 25.97
C THR B 245 -9.51 6.17 27.30
N TRP B 246 -8.38 5.52 27.61
CA TRP B 246 -8.26 4.77 28.86
C TRP B 246 -8.38 5.68 30.08
N TYR B 247 -7.55 6.71 30.14
CA TYR B 247 -7.66 7.72 31.18
C TYR B 247 -8.56 8.85 30.67
N GLU B 248 -9.47 9.34 31.52
CA GLU B 248 -10.34 10.45 31.14
C GLU B 248 -9.52 11.68 30.79
N ASN B 249 -8.52 11.95 31.60
CA ASN B 249 -7.66 13.10 31.44
C ASN B 249 -6.23 12.72 31.12
N ALA B 250 -5.37 13.71 30.87
CA ALA B 250 -3.96 13.47 30.64
C ALA B 250 -3.41 12.53 31.71
N PRO B 251 -2.53 11.60 31.32
CA PRO B 251 -1.85 11.40 30.05
C PRO B 251 -2.64 10.59 29.03
N TYR B 252 -3.88 10.21 29.36
CA TYR B 252 -4.78 9.49 28.44
C TYR B 252 -4.44 8.03 28.12
N MET B 253 -3.14 7.74 28.03
CA MET B 253 -2.64 6.43 27.57
C MET B 253 -1.87 5.65 28.62
N LEU B 254 -2.14 4.36 28.73
CA LEU B 254 -1.30 3.44 29.49
C LEU B 254 0.06 3.31 28.85
N PRO B 255 1.09 2.97 29.64
CA PRO B 255 2.36 2.57 29.02
C PRO B 255 2.30 1.13 28.53
N ALA B 256 3.01 0.84 27.45
CA ALA B 256 2.95 -0.48 26.82
C ALA B 256 4.30 -1.16 26.74
N ASN B 257 5.38 -0.39 26.56
CA ASN B 257 6.68 -0.99 26.23
C ASN B 257 7.77 0.05 26.36
N THR B 258 9.02 -0.38 26.20
CA THR B 258 10.14 0.54 26.26
C THR B 258 10.63 0.85 24.84
N ALA B 259 10.50 2.11 24.45
CA ALA B 259 11.02 2.58 23.17
C ALA B 259 12.48 2.97 23.35
N GLY B 260 13.33 2.49 22.45
CA GLY B 260 14.72 2.85 22.52
C GLY B 260 15.41 2.61 21.22
N ILE B 261 16.70 2.90 21.19
N ILE B 261 16.71 2.88 21.20
CA ILE B 261 17.50 2.75 19.97
CA ILE B 261 17.53 2.75 19.99
C ILE B 261 18.35 1.50 20.00
C ILE B 261 18.37 1.48 20.00
N TYR B 262 18.14 0.60 19.04
CA TYR B 262 19.06 -0.52 18.82
C TYR B 262 20.19 -0.02 17.95
N ILE B 263 21.39 -0.49 18.23
CA ILE B 263 22.58 0.02 17.58
C ILE B 263 23.33 -1.08 16.86
N ASN B 264 23.74 -0.82 15.61
CA ASN B 264 24.55 -1.78 14.85
C ASN B 264 25.98 -1.79 15.41
N VAL B 265 26.28 -2.78 16.25
CA VAL B 265 27.59 -2.83 16.88
C VAL B 265 28.69 -3.28 15.91
N ASN B 266 28.32 -3.64 14.69
CA ASN B 266 29.30 -4.02 13.67
C ASN B 266 29.62 -2.92 12.68
N LYS B 267 29.15 -1.72 12.98
CA LYS B 267 29.41 -0.54 12.16
C LYS B 267 30.26 0.43 12.96
N TYR B 268 31.49 0.68 12.51
CA TYR B 268 32.31 1.72 13.15
C TYR B 268 31.67 3.07 12.91
N PRO B 269 31.63 3.95 13.94
CA PRO B 269 32.17 3.82 15.29
C PRO B 269 31.15 3.34 16.33
N LEU B 270 29.99 2.88 15.89
CA LEU B 270 28.96 2.35 16.79
C LEU B 270 29.44 1.08 17.49
N SER B 271 30.50 0.47 16.96
CA SER B 271 31.16 -0.68 17.57
C SER B 271 31.86 -0.37 18.89
N ILE B 272 32.11 0.91 19.16
CA ILE B 272 32.81 1.31 20.37
C ILE B 272 31.84 1.51 21.52
N PRO B 273 31.94 0.71 22.59
CA PRO B 273 30.99 0.85 23.70
C PRO B 273 30.90 2.27 24.24
N GLU B 274 32.04 2.96 24.38
CA GLU B 274 32.02 4.33 24.89
C GLU B 274 31.35 5.32 23.93
N PHE B 275 31.41 5.03 22.63
CA PHE B 275 30.71 5.86 21.66
C PHE B 275 29.20 5.73 21.89
N ARG B 276 28.74 4.50 22.15
CA ARG B 276 27.33 4.29 22.43
C ARG B 276 26.91 5.00 23.72
N ARG B 277 27.79 4.98 24.74
N ARG B 277 27.78 4.98 24.74
CA ARG B 277 27.59 5.74 25.97
CA ARG B 277 27.53 5.74 25.97
C ARG B 277 27.41 7.23 25.69
C ARG B 277 27.42 7.25 25.72
N ALA B 278 28.30 7.79 24.86
CA ALA B 278 28.22 9.19 24.50
C ALA B 278 26.87 9.53 23.88
N MET B 279 26.40 8.67 22.96
CA MET B 279 25.09 8.90 22.37
C MET B 279 23.99 8.93 23.41
N ALA B 280 24.07 8.04 24.40
CA ALA B 280 23.04 8.00 25.44
C ALA B 280 22.98 9.30 26.23
N TYR B 281 24.16 9.84 26.60
CA TYR B 281 24.21 11.11 27.32
C TYR B 281 23.72 12.26 26.47
N ALA B 282 23.84 12.14 25.16
CA ALA B 282 23.48 13.25 24.27
C ALA B 282 21.97 13.44 24.10
N ILE B 283 21.21 12.39 24.33
CA ILE B 283 19.79 12.41 23.95
C ILE B 283 18.94 12.97 25.08
N ASN B 284 18.03 13.88 24.73
CA ASN B 284 17.12 14.51 25.67
C ASN B 284 15.74 13.89 25.58
N PRO B 285 15.42 12.90 26.43
CA PRO B 285 14.13 12.26 26.29
C PRO B 285 12.96 13.18 26.59
N GLU B 286 13.15 14.16 27.45
CA GLU B 286 12.03 15.03 27.78
C GLU B 286 11.55 15.82 26.58
N LYS B 287 12.45 16.14 25.65
CA LYS B 287 12.06 16.87 24.44
C LYS B 287 11.19 16.00 23.55
N ILE B 288 11.43 14.69 23.56
CA ILE B 288 10.54 13.76 22.86
C ILE B 288 9.19 13.70 23.55
N VAL B 289 9.21 13.57 24.87
CA VAL B 289 7.99 13.56 25.68
C VAL B 289 7.07 14.74 25.38
N THR B 290 7.66 15.93 25.28
CA THR B 290 6.84 17.11 25.04
C THR B 290 6.50 17.30 23.58
N ARG B 291 7.49 17.27 22.70
N ARG B 291 7.52 17.32 22.72
CA ARG B 291 7.27 17.64 21.31
CA ARG B 291 7.32 17.61 21.30
C ARG B 291 6.55 16.57 20.48
C ARG B 291 6.44 16.56 20.66
N ALA B 292 6.88 15.30 20.73
CA ALA B 292 6.19 14.23 20.02
C ALA B 292 4.90 13.78 20.72
N TYR B 293 4.86 13.81 22.05
CA TYR B 293 3.79 13.13 22.78
C TYR B 293 2.88 14.04 23.63
N GLU B 294 3.21 15.34 23.72
CA GLU B 294 2.47 16.28 24.56
C GLU B 294 2.24 15.65 25.93
N ASN B 295 3.31 15.10 26.50
N ASN B 295 3.29 15.05 26.48
CA ASN B 295 3.33 14.47 27.82
CA ASN B 295 3.30 14.51 27.83
C ASN B 295 2.32 13.34 28.02
C ASN B 295 2.41 13.28 28.04
N MET B 296 2.03 12.60 26.95
CA MET B 296 1.21 11.39 27.08
C MET B 296 2.06 10.19 27.46
N VAL B 297 3.38 10.34 27.41
CA VAL B 297 4.30 9.28 27.82
C VAL B 297 5.28 9.83 28.86
N THR B 298 6.02 8.95 29.51
CA THR B 298 7.10 9.39 30.37
C THR B 298 8.44 8.88 29.87
N ALA B 299 9.51 9.59 30.20
CA ALA B 299 10.86 9.17 29.87
C ALA B 299 11.26 7.94 30.65
N ALA B 300 12.11 7.11 30.05
CA ALA B 300 12.52 5.87 30.65
C ALA B 300 13.64 6.09 31.64
N ASN B 301 13.62 5.29 32.72
CA ASN B 301 14.84 5.14 33.51
C ASN B 301 15.91 4.50 32.62
N PRO B 302 17.20 4.67 32.96
CA PRO B 302 18.26 4.27 32.05
C PRO B 302 18.29 2.78 31.75
N ALA B 303 17.78 1.97 32.67
CA ALA B 303 17.72 0.52 32.47
C ALA B 303 16.57 0.12 31.56
N GLY B 304 15.64 1.05 31.33
CA GLY B 304 14.45 0.77 30.52
C GLY B 304 13.44 -0.16 31.14
N ILE B 305 13.45 -0.26 32.48
CA ILE B 305 12.52 -1.12 33.20
C ILE B 305 11.17 -0.41 33.30
N LEU B 306 10.11 -1.09 32.87
CA LEU B 306 8.78 -0.48 32.80
C LEU B 306 8.38 0.03 34.18
N PRO B 307 7.70 1.19 34.21
CA PRO B 307 7.32 1.93 35.43
C PRO B 307 6.08 1.32 36.03
N LEU B 308 6.12 0.00 36.19
CA LEU B 308 5.02 -0.77 36.75
C LEU B 308 5.45 -1.44 38.05
N PRO B 309 4.50 -1.66 38.97
CA PRO B 309 4.90 -2.19 40.30
C PRO B 309 5.62 -3.52 40.20
N GLY B 310 5.11 -4.40 39.35
CA GLY B 310 5.68 -5.72 39.16
C GLY B 310 7.03 -5.76 38.47
N TYR B 311 7.44 -4.62 37.93
CA TYR B 311 8.75 -4.51 37.30
C TYR B 311 9.73 -3.79 38.22
N MET B 312 9.28 -2.67 38.78
CA MET B 312 10.15 -1.80 39.56
C MET B 312 10.54 -2.40 40.91
N LYS B 313 9.87 -3.47 41.32
CA LYS B 313 10.28 -4.20 42.53
C LYS B 313 11.64 -4.86 42.35
N TYR B 314 12.11 -4.94 41.11
CA TYR B 314 13.40 -5.54 40.81
C TYR B 314 14.39 -4.47 40.39
N TYR B 315 14.00 -3.21 40.54
CA TYR B 315 14.82 -2.12 40.05
C TYR B 315 16.17 -2.11 40.75
N PRO B 316 17.26 -2.11 39.98
CA PRO B 316 18.61 -2.15 40.53
C PRO B 316 19.10 -0.76 40.82
N LYS B 317 18.61 -0.16 41.91
CA LYS B 317 18.84 1.24 42.19
C LYS B 317 20.31 1.55 42.29
N GLU B 318 21.06 0.67 42.97
CA GLU B 318 22.48 0.90 43.21
C GLU B 318 23.27 0.87 41.89
N VAL B 319 22.97 -0.12 41.05
CA VAL B 319 23.59 -0.25 39.74
C VAL B 319 23.31 0.97 38.86
N VAL B 320 22.07 1.43 38.85
CA VAL B 320 21.71 2.59 38.04
C VAL B 320 22.40 3.84 38.54
N ASP B 321 22.44 4.01 39.86
CA ASP B 321 23.10 5.19 40.45
C ASP B 321 24.57 5.23 40.06
N LYS B 322 25.20 4.06 39.94
CA LYS B 322 26.62 3.97 39.65
C LYS B 322 26.94 4.01 38.14
N TYR B 323 26.16 3.31 37.33
CA TYR B 323 26.48 3.11 35.93
C TYR B 323 25.49 3.71 34.93
N GLY B 324 24.43 4.33 35.44
CA GLY B 324 23.42 4.88 34.56
C GLY B 324 23.87 6.10 33.80
N PHE B 325 23.09 6.50 32.82
CA PHE B 325 23.34 7.72 32.07
C PHE B 325 22.16 8.67 32.30
N LYS B 326 22.28 9.88 31.79
CA LYS B 326 21.21 10.85 31.88
C LYS B 326 21.47 11.86 30.76
N TYR B 327 20.51 12.72 30.48
CA TYR B 327 20.78 13.76 29.47
C TYR B 327 21.81 14.75 30.01
N ASP B 328 22.99 14.77 29.36
CA ASP B 328 24.09 15.66 29.71
C ASP B 328 25.03 15.79 28.53
N PRO B 329 24.80 16.81 27.70
CA PRO B 329 25.64 16.98 26.51
C PRO B 329 27.12 17.19 26.84
N GLU B 330 27.40 17.83 27.99
CA GLU B 330 28.79 18.02 28.40
C GLU B 330 29.49 16.68 28.59
N MET B 331 28.79 15.72 29.18
CA MET B 331 29.37 14.40 29.36
C MET B 331 29.58 13.69 28.03
N ALA B 332 28.61 13.81 27.11
CA ALA B 332 28.76 13.19 25.81
C ALA B 332 29.99 13.74 25.08
N LYS B 333 30.15 15.05 25.12
CA LYS B 333 31.27 15.68 24.42
C LYS B 333 32.60 15.30 25.08
N LYS B 334 32.58 15.12 26.39
CA LYS B 334 33.77 14.70 27.13
C LYS B 334 34.23 13.34 26.62
N ILE B 335 33.29 12.41 26.50
CA ILE B 335 33.60 11.06 26.05
C ILE B 335 34.10 11.06 24.62
N LEU B 336 33.44 11.84 23.76
CA LEU B 336 33.83 11.90 22.36
C LEU B 336 35.24 12.47 22.20
N ASP B 337 35.55 13.50 22.98
CA ASP B 337 36.90 14.07 22.93
C ASP B 337 37.94 13.05 23.36
N GLU B 338 37.64 12.32 24.43
CA GLU B 338 38.56 11.29 24.93
C GLU B 338 38.77 10.19 23.92
N LEU B 339 37.73 9.84 23.15
CA LEU B 339 37.85 8.85 22.11
C LEU B 339 38.61 9.37 20.87
N GLY B 340 38.82 10.68 20.80
CA GLY B 340 39.52 11.26 19.65
C GLY B 340 38.64 11.66 18.48
N PHE B 341 37.33 11.71 18.73
CA PHE B 341 36.41 12.16 17.70
C PHE B 341 36.25 13.68 17.83
N LYS B 342 37.02 14.41 17.04
CA LYS B 342 37.02 15.87 17.11
C LYS B 342 36.67 16.49 15.77
N ASP B 343 36.03 17.66 15.84
CA ASP B 343 35.67 18.41 14.64
C ASP B 343 36.82 19.33 14.21
N VAL B 344 37.85 18.75 13.65
CA VAL B 344 39.03 19.52 13.29
C VAL B 344 38.74 20.46 12.12
N ASN B 345 37.83 20.08 11.24
CA ASN B 345 37.55 20.89 10.05
C ASN B 345 36.46 21.94 10.26
N LYS B 346 35.96 22.02 11.50
CA LYS B 346 35.11 23.13 11.92
C LYS B 346 33.79 23.21 11.17
N ASP B 347 33.24 22.08 10.78
CA ASP B 347 31.93 22.07 10.15
C ASP B 347 30.79 21.70 11.12
N GLY B 348 31.13 21.51 12.39
CA GLY B 348 30.14 21.20 13.40
C GLY B 348 29.95 19.70 13.59
N PHE B 349 30.60 18.92 12.75
CA PHE B 349 30.54 17.46 12.81
C PHE B 349 31.90 16.89 13.15
N ARG B 350 31.98 16.08 14.19
CA ARG B 350 33.23 15.43 14.56
C ARG B 350 33.64 14.44 13.49
N GLU B 351 34.94 14.39 13.21
CA GLU B 351 35.49 13.33 12.37
C GLU B 351 36.04 12.20 13.24
N ASP B 352 36.36 11.07 12.62
CA ASP B 352 36.99 9.98 13.38
C ASP B 352 38.44 10.35 13.71
N PRO B 353 39.11 9.53 14.54
CA PRO B 353 40.49 9.85 14.92
C PRO B 353 41.49 9.99 13.77
N ASN B 354 41.18 9.51 12.57
CA ASN B 354 42.04 9.69 11.39
C ASN B 354 41.70 10.95 10.60
N GLY B 355 40.68 11.69 11.03
CA GLY B 355 40.23 12.89 10.34
C GLY B 355 39.24 12.66 9.23
N LYS B 356 38.71 11.43 9.13
CA LYS B 356 37.70 11.15 8.13
C LYS B 356 36.30 11.50 8.65
N PRO B 357 35.58 12.33 7.92
CA PRO B 357 34.19 12.62 8.32
C PRO B 357 33.34 11.35 8.23
N PHE B 358 32.30 11.29 9.06
CA PHE B 358 31.40 10.16 8.99
C PHE B 358 30.00 10.69 9.29
N LYS B 359 28.99 9.96 8.82
CA LYS B 359 27.62 10.26 9.20
C LYS B 359 26.85 8.96 9.33
N LEU B 360 25.76 9.04 10.09
CA LEU B 360 24.97 7.87 10.43
C LEU B 360 23.50 8.14 10.16
N THR B 361 22.72 7.08 10.05
CA THR B 361 21.27 7.22 9.92
C THR B 361 20.55 6.73 11.18
N ILE B 362 19.35 7.25 11.41
CA ILE B 362 18.44 6.70 12.38
C ILE B 362 17.10 6.55 11.65
N GLU B 363 16.39 5.46 11.89
CA GLU B 363 15.20 5.21 11.10
C GLU B 363 14.00 4.74 11.89
N CYS B 364 12.82 5.02 11.32
CA CYS B 364 11.55 4.55 11.82
C CYS B 364 10.61 4.37 10.63
N PRO B 365 9.45 3.75 10.84
CA PRO B 365 8.53 3.62 9.70
C PRO B 365 7.90 4.94 9.29
N TYR B 366 7.85 5.20 7.98
CA TYR B 366 7.06 6.29 7.48
C TYR B 366 5.59 6.16 7.89
N GLY B 367 4.96 7.28 8.21
CA GLY B 367 3.56 7.28 8.59
C GLY B 367 3.36 7.08 10.06
N TRP B 368 4.40 6.62 10.77
CA TRP B 368 4.34 6.54 12.22
C TRP B 368 4.76 7.89 12.75
N THR B 369 3.82 8.84 12.70
CA THR B 369 4.13 10.25 12.78
C THR B 369 4.86 10.64 14.07
N ASP B 370 4.48 10.03 15.18
CA ASP B 370 5.12 10.33 16.46
C ASP B 370 6.57 9.87 16.46
N TRP B 371 6.85 8.75 15.80
CA TRP B 371 8.23 8.26 15.75
C TRP B 371 9.06 9.07 14.78
N MET B 372 8.42 9.61 13.74
CA MET B 372 9.16 10.48 12.82
C MET B 372 9.62 11.73 13.57
N VAL B 373 8.72 12.34 14.33
CA VAL B 373 9.09 13.49 15.15
C VAL B 373 10.15 13.11 16.17
N SER B 374 10.00 11.94 16.79
CA SER B 374 10.95 11.50 17.80
C SER B 374 12.36 11.30 17.25
N ILE B 375 12.51 10.65 16.09
CA ILE B 375 13.87 10.42 15.60
C ILE B 375 14.48 11.71 15.04
N GLN B 376 13.65 12.65 14.59
CA GLN B 376 14.13 13.98 14.27
C GLN B 376 14.77 14.62 15.51
N SER B 377 14.10 14.49 16.65
CA SER B 377 14.59 15.05 17.91
C SER B 377 15.88 14.37 18.36
N ILE B 378 15.93 13.06 18.27
CA ILE B 378 17.13 12.28 18.59
C ILE B 378 18.28 12.69 17.68
N ALA B 379 18.03 12.73 16.37
CA ALA B 379 19.08 13.13 15.44
C ALA B 379 19.59 14.54 15.77
N GLU B 380 18.69 15.46 16.07
CA GLU B 380 19.10 16.82 16.39
C GLU B 380 19.96 16.87 17.66
N ASP B 381 19.62 16.06 18.67
CA ASP B 381 20.44 15.97 19.88
C ASP B 381 21.84 15.45 19.57
N LEU B 382 21.95 14.46 18.70
CA LEU B 382 23.24 13.89 18.37
C LEU B 382 24.07 14.92 17.57
N VAL B 383 23.41 15.70 16.72
CA VAL B 383 24.10 16.74 15.96
C VAL B 383 24.64 17.80 16.94
N LYS B 384 23.92 18.04 18.04
CA LYS B 384 24.36 19.05 18.99
C LYS B 384 25.67 18.69 19.69
N VAL B 385 26.04 17.41 19.70
CA VAL B 385 27.34 17.00 20.25
C VAL B 385 28.29 16.57 19.12
N GLY B 386 27.99 17.00 17.90
CA GLY B 386 28.90 16.81 16.78
C GLY B 386 28.85 15.47 16.09
N ILE B 387 27.79 14.69 16.32
CA ILE B 387 27.64 13.43 15.62
C ILE B 387 26.64 13.62 14.47
N ASN B 388 27.11 13.50 13.24
CA ASN B 388 26.24 13.74 12.08
C ASN B 388 25.26 12.58 11.86
N VAL B 389 24.01 12.80 12.28
CA VAL B 389 22.95 11.80 12.16
C VAL B 389 21.76 12.37 11.40
N GLU B 390 21.30 11.61 10.41
CA GLU B 390 20.16 12.03 9.60
C GLU B 390 19.03 11.04 9.81
N PRO B 391 17.81 11.56 10.02
CA PRO B 391 16.65 10.66 10.10
C PRO B 391 16.18 10.17 8.73
N LYS B 392 15.75 8.91 8.67
CA LYS B 392 15.23 8.29 7.48
C LYS B 392 13.90 7.60 7.80
N TYR B 393 13.01 7.57 6.82
CA TYR B 393 11.66 7.04 7.03
C TYR B 393 11.29 6.02 5.96
N PRO B 394 11.93 4.85 6.00
CA PRO B 394 11.54 3.75 5.10
C PRO B 394 10.08 3.37 5.29
N ASP B 395 9.44 2.79 4.28
CA ASP B 395 8.10 2.29 4.53
C ASP B 395 8.18 1.14 5.51
N TYR B 396 7.07 0.77 6.13
CA TYR B 396 7.10 -0.22 7.19
C TYR B 396 7.80 -1.53 6.79
N SER B 397 7.52 -2.01 5.59
CA SER B 397 8.13 -3.28 5.18
C SER B 397 9.66 -3.17 5.09
N LYS B 398 10.19 -2.08 4.57
CA LYS B 398 11.63 -1.88 4.53
C LYS B 398 12.20 -1.71 5.95
N TYR B 399 11.52 -0.91 6.78
CA TYR B 399 11.91 -0.79 8.19
C TYR B 399 12.03 -2.15 8.89
N ALA B 400 11.05 -3.02 8.68
CA ALA B 400 11.00 -4.31 9.36
C ALA B 400 12.13 -5.22 8.88
N ASP B 401 12.38 -5.23 7.58
CA ASP B 401 13.49 -6.01 7.04
C ASP B 401 14.82 -5.46 7.54
N ASP B 402 14.95 -4.14 7.59
CA ASP B 402 16.14 -3.50 8.17
C ASP B 402 16.34 -3.94 9.62
N LEU B 403 15.28 -3.85 10.40
CA LEU B 403 15.30 -4.25 11.82
C LEU B 403 15.70 -5.70 12.01
N TYR B 404 14.94 -6.61 11.39
CA TYR B 404 15.16 -8.03 11.60
C TYR B 404 16.52 -8.50 11.10
N GLY B 405 16.98 -7.90 10.02
CA GLY B 405 18.27 -8.28 9.42
C GLY B 405 19.48 -7.55 9.95
N GLY B 406 19.26 -6.61 10.86
CA GLY B 406 20.35 -5.80 11.40
C GLY B 406 20.98 -4.88 10.36
N LYS B 407 20.18 -4.44 9.41
CA LYS B 407 20.66 -3.59 8.34
C LYS B 407 20.25 -2.13 8.63
N PHE B 408 20.97 -1.52 9.55
CA PHE B 408 20.73 -0.16 10.01
C PHE B 408 21.97 0.37 10.74
N ASP B 409 21.98 1.66 11.01
CA ASP B 409 22.97 2.27 11.90
C ASP B 409 22.33 2.33 13.30
N LEU B 410 21.36 3.23 13.42
CA LEU B 410 20.49 3.38 14.58
C LEU B 410 19.06 3.08 14.16
N ILE B 411 18.31 2.38 15.02
CA ILE B 411 16.90 2.16 14.71
C ILE B 411 16.06 2.28 15.97
N LEU B 412 14.97 3.05 15.87
CA LEU B 412 14.02 3.19 16.96
C LEU B 412 13.09 1.98 16.94
N ASN B 413 12.94 1.29 18.07
CA ASN B 413 12.07 0.10 18.12
C ASN B 413 11.56 -0.20 19.51
N ASN B 414 10.47 -0.97 19.60
CA ASN B 414 9.89 -1.37 20.88
C ASN B 414 9.16 -2.72 20.77
N PHE B 415 9.53 -3.54 19.80
CA PHE B 415 8.74 -4.76 19.52
C PHE B 415 8.87 -5.83 20.57
N THR B 416 10.00 -5.86 21.27
CA THR B 416 10.34 -6.98 22.15
C THR B 416 10.40 -6.57 23.62
N THR B 417 10.11 -5.31 23.89
CA THR B 417 10.24 -4.76 25.22
C THR B 417 8.90 -4.49 25.85
N GLY B 418 7.87 -5.21 25.40
CA GLY B 418 6.55 -4.97 25.94
C GLY B 418 6.26 -5.56 27.30
N VAL B 419 5.20 -5.04 27.89
N VAL B 419 5.21 -5.06 27.92
CA VAL B 419 4.53 -5.63 29.02
CA VAL B 419 4.78 -5.62 29.21
C VAL B 419 4.42 -7.14 28.89
C VAL B 419 4.41 -7.06 28.97
N SER B 420 4.73 -7.89 29.96
CA SER B 420 4.58 -9.34 29.88
C SER B 420 4.45 -9.92 31.27
N ALA B 421 4.50 -11.25 31.37
CA ALA B 421 4.40 -11.91 32.64
C ALA B 421 5.73 -12.02 33.39
N THR B 422 6.81 -11.51 32.78
CA THR B 422 8.13 -11.64 33.38
C THR B 422 9.12 -10.64 32.81
N ILE B 423 9.90 -10.06 33.72
CA ILE B 423 10.94 -9.12 33.34
C ILE B 423 12.02 -9.83 32.53
N TRP B 424 12.10 -11.15 32.61
CA TRP B 424 12.99 -11.89 31.71
C TRP B 424 12.74 -11.58 30.23
N SER B 425 11.48 -11.35 29.84
CA SER B 425 11.22 -11.09 28.43
C SER B 425 11.80 -9.76 27.99
N TYR B 426 11.92 -8.81 28.91
CA TYR B 426 12.56 -7.54 28.60
C TYR B 426 14.04 -7.73 28.28
N PHE B 427 14.74 -8.39 29.19
CA PHE B 427 16.17 -8.59 28.97
C PHE B 427 16.45 -9.51 27.80
N ASN B 428 15.58 -10.51 27.57
CA ASN B 428 15.72 -11.34 26.39
C ASN B 428 15.46 -10.49 25.11
N GLY B 429 14.50 -9.58 25.16
CA GLY B 429 14.18 -8.73 24.04
C GLY B 429 15.32 -7.78 23.69
N VAL B 430 16.09 -7.40 24.69
CA VAL B 430 17.29 -6.58 24.46
C VAL B 430 18.44 -7.42 23.97
N PHE B 431 18.76 -8.50 24.70
CA PHE B 431 20.00 -9.23 24.49
C PHE B 431 19.93 -10.46 23.58
N TYR B 432 18.72 -10.94 23.27
CA TYR B 432 18.48 -12.16 22.46
C TYR B 432 19.71 -12.72 21.75
N PRO B 433 20.42 -13.62 22.42
CA PRO B 433 21.74 -14.07 21.94
C PRO B 433 21.76 -14.66 20.54
N ASP B 434 20.70 -15.33 20.13
CA ASP B 434 20.73 -16.02 18.85
C ASP B 434 20.66 -15.07 17.65
N ALA B 435 20.43 -13.77 17.89
CA ALA B 435 20.48 -12.80 16.80
C ALA B 435 21.87 -12.72 16.17
N VAL B 436 22.90 -13.04 16.95
CA VAL B 436 24.26 -12.80 16.50
C VAL B 436 24.64 -13.65 15.30
N GLU B 437 24.32 -14.94 15.35
CA GLU B 437 24.70 -15.84 14.25
C GLU B 437 23.57 -16.13 13.26
N SER B 438 22.37 -15.66 13.55
N SER B 438 22.37 -15.66 13.57
CA SER B 438 21.23 -15.85 12.65
CA SER B 438 21.25 -15.77 12.67
C SER B 438 21.04 -14.62 11.76
C SER B 438 21.26 -14.61 11.67
N GLU B 439 20.77 -14.83 10.47
CA GLU B 439 20.60 -13.72 9.53
C GLU B 439 19.53 -12.77 10.03
N TYR B 440 18.36 -13.34 10.29
CA TYR B 440 17.24 -12.59 10.81
C TYR B 440 16.96 -12.91 12.27
N SER B 441 16.65 -11.86 13.03
CA SER B 441 16.11 -12.01 14.37
C SER B 441 14.76 -11.31 14.43
N TYR B 442 13.78 -12.02 14.92
CA TYR B 442 12.45 -11.47 15.18
C TYR B 442 12.20 -11.31 16.66
N SER B 443 13.21 -11.64 17.48
CA SER B 443 13.02 -11.75 18.91
C SER B 443 13.85 -10.77 19.73
N GLY B 444 14.61 -9.93 19.07
CA GLY B 444 15.36 -8.89 19.79
C GLY B 444 16.81 -8.83 19.40
N ASN B 445 17.58 -8.00 20.14
CA ASN B 445 19.02 -7.85 19.88
C ASN B 445 19.28 -7.63 18.42
N PHE B 446 18.52 -6.72 17.81
CA PHE B 446 18.51 -6.57 16.37
C PHE B 446 19.85 -6.10 15.82
N GLY B 447 20.66 -5.44 16.65
CA GLY B 447 21.97 -4.99 16.22
C GLY B 447 23.08 -6.01 16.44
N LYS B 448 22.71 -7.20 16.89
CA LYS B 448 23.61 -8.38 16.97
C LYS B 448 24.79 -8.18 17.91
N TYR B 449 24.49 -7.71 19.11
CA TYR B 449 25.46 -7.59 20.20
C TYR B 449 25.76 -8.95 20.84
N ALA B 450 27.04 -9.27 21.00
CA ALA B 450 27.42 -10.56 21.55
C ALA B 450 28.05 -10.40 22.94
N ASN B 451 27.69 -11.30 23.84
CA ASN B 451 28.23 -11.28 25.21
C ASN B 451 27.94 -12.61 25.91
N PRO B 452 28.97 -13.47 26.02
CA PRO B 452 28.77 -14.79 26.61
C PRO B 452 28.27 -14.70 28.07
N GLU B 453 28.73 -13.69 28.80
CA GLU B 453 28.30 -13.55 30.19
C GLU B 453 26.80 -13.27 30.27
N VAL B 454 26.28 -12.47 29.34
CA VAL B 454 24.85 -12.16 29.33
C VAL B 454 24.00 -13.42 29.15
N GLU B 455 24.41 -14.34 28.28
CA GLU B 455 23.66 -15.57 28.05
C GLU B 455 23.49 -16.38 29.35
N THR B 456 24.57 -16.50 30.11
CA THR B 456 24.49 -17.22 31.39
C THR B 456 23.56 -16.52 32.35
N LEU B 457 23.52 -15.18 32.31
CA LEU B 457 22.69 -14.44 33.23
C LEU B 457 21.21 -14.53 32.84
N LEU B 458 20.93 -14.49 31.53
CA LEU B 458 19.57 -14.72 31.05
C LEU B 458 19.06 -16.08 31.52
N ASP B 459 19.91 -17.11 31.45
CA ASP B 459 19.47 -18.43 31.87
C ASP B 459 19.25 -18.49 33.39
N GLU B 460 20.13 -17.84 34.14
CA GLU B 460 20.00 -17.81 35.60
C GLU B 460 18.68 -17.16 36.02
N LEU B 461 18.35 -16.05 35.37
CA LEU B 461 17.07 -15.38 35.59
C LEU B 461 15.92 -16.32 35.23
N ASN B 462 16.02 -16.93 34.04
CA ASN B 462 14.99 -17.80 33.52
C ASN B 462 14.66 -18.94 34.48
N ARG B 463 15.71 -19.51 35.08
CA ARG B 463 15.59 -20.66 35.98
C ARG B 463 15.16 -20.33 37.38
N SER B 464 15.03 -19.04 37.71
N SER B 464 15.03 -19.04 37.71
CA SER B 464 14.65 -18.67 39.05
CA SER B 464 14.68 -18.63 39.07
C SER B 464 13.14 -18.53 39.21
C SER B 464 13.18 -18.39 39.26
N ASN B 465 12.69 -18.72 40.45
CA ASN B 465 11.30 -18.44 40.80
C ASN B 465 11.25 -17.87 42.20
N ASP B 466 12.34 -17.20 42.55
CA ASP B 466 12.51 -16.58 43.86
C ASP B 466 12.82 -15.09 43.67
N ASP B 467 12.02 -14.24 44.31
CA ASP B 467 12.13 -12.79 44.14
C ASP B 467 13.52 -12.24 44.46
N ALA B 468 14.16 -12.76 45.49
CA ALA B 468 15.48 -12.28 45.87
C ALA B 468 16.49 -12.63 44.78
N LYS B 469 16.37 -13.82 44.22
CA LYS B 469 17.29 -14.25 43.18
C LYS B 469 17.06 -13.46 41.90
N ILE B 470 15.79 -13.25 41.55
CA ILE B 470 15.43 -12.47 40.37
C ILE B 470 16.01 -11.05 40.48
N LYS B 471 15.88 -10.45 41.66
CA LYS B 471 16.42 -9.11 41.86
C LYS B 471 17.93 -9.10 41.63
N GLU B 472 18.64 -10.12 42.12
N GLU B 472 18.63 -10.12 42.13
CA GLU B 472 20.08 -10.18 41.98
CA GLU B 472 20.07 -10.22 42.00
C GLU B 472 20.53 -10.28 40.53
C GLU B 472 20.51 -10.27 40.55
N VAL B 473 19.88 -11.15 39.77
CA VAL B 473 20.26 -11.32 38.37
C VAL B 473 19.86 -10.10 37.54
N VAL B 474 18.73 -9.49 37.85
CA VAL B 474 18.33 -8.25 37.13
C VAL B 474 19.40 -7.19 37.30
N ALA B 475 19.97 -7.05 38.48
CA ALA B 475 21.01 -6.07 38.70
C ALA B 475 22.25 -6.35 37.81
N LYS B 476 22.63 -7.61 37.72
CA LYS B 476 23.78 -7.97 36.90
C LYS B 476 23.53 -7.75 35.39
N LEU B 477 22.32 -8.07 34.93
CA LEU B 477 21.97 -7.82 33.53
C LEU B 477 21.93 -6.33 33.25
N SER B 478 21.40 -5.55 34.21
CA SER B 478 21.27 -4.10 34.02
C SER B 478 22.64 -3.43 33.97
N GLU B 479 23.59 -3.93 34.79
CA GLU B 479 24.93 -3.38 34.77
C GLU B 479 25.56 -3.53 33.39
N ILE B 480 25.41 -4.71 32.78
CA ILE B 480 25.95 -4.92 31.43
C ILE B 480 25.21 -4.05 30.39
N LEU B 481 23.90 -3.97 30.50
CA LEU B 481 23.14 -3.09 29.61
C LEU B 481 23.66 -1.66 29.70
N LEU B 482 23.89 -1.17 30.90
CA LEU B 482 24.32 0.23 31.05
C LEU B 482 25.76 0.47 30.63
N LYS B 483 26.60 -0.54 30.76
N LYS B 483 26.60 -0.54 30.76
CA LYS B 483 28.01 -0.40 30.37
CA LYS B 483 28.01 -0.40 30.36
C LYS B 483 28.20 -0.45 28.87
C LYS B 483 28.16 -0.42 28.84
N ASP B 484 27.49 -1.37 28.21
CA ASP B 484 27.72 -1.64 26.80
C ASP B 484 26.64 -1.10 25.85
N LEU B 485 25.50 -0.69 26.41
CA LEU B 485 24.40 -0.08 25.66
C LEU B 485 24.20 -0.56 24.22
N PRO B 486 23.87 -1.84 24.03
CA PRO B 486 23.45 -2.32 22.72
C PRO B 486 22.08 -1.71 22.33
N PHE B 487 21.36 -1.25 23.35
CA PHE B 487 20.01 -0.69 23.23
C PHE B 487 20.00 0.49 24.19
N ILE B 488 19.59 1.66 23.70
CA ILE B 488 19.47 2.80 24.59
C ILE B 488 18.01 3.08 24.91
N PRO B 489 17.58 2.80 26.17
CA PRO B 489 16.17 3.04 26.50
C PRO B 489 15.91 4.53 26.60
N LEU B 490 14.79 4.99 26.04
CA LEU B 490 14.49 6.44 26.02
C LEU B 490 13.13 6.83 26.59
N TRP B 491 12.04 6.14 26.23
CA TRP B 491 10.75 6.47 26.84
C TRP B 491 9.86 5.25 26.83
N TYR B 492 8.75 5.31 27.56
CA TYR B 492 7.78 4.22 27.52
C TYR B 492 6.70 4.58 26.52
N ASN B 493 6.67 3.85 25.40
CA ASN B 493 5.72 4.16 24.35
C ASN B 493 4.34 3.76 24.85
N GLY B 494 3.32 4.48 24.41
CA GLY B 494 1.98 4.24 24.92
C GLY B 494 1.29 3.04 24.34
N ALA B 495 0.33 2.51 25.11
CA ALA B 495 -0.65 1.55 24.61
C ALA B 495 -1.73 2.38 23.93
N TRP B 496 -1.48 2.77 22.67
CA TRP B 496 -2.36 3.75 22.03
C TRP B 496 -3.74 3.19 21.89
N PHE B 497 -4.71 3.91 22.45
CA PHE B 497 -6.11 3.55 22.35
C PHE B 497 -6.99 4.79 22.38
N GLN B 498 -7.82 4.95 21.34
CA GLN B 498 -8.89 5.93 21.34
C GLN B 498 -10.05 5.25 20.67
N ALA B 499 -11.28 5.59 21.05
CA ALA B 499 -12.42 4.96 20.42
C ALA B 499 -13.52 5.97 20.15
N SER B 500 -14.21 5.76 19.04
CA SER B 500 -15.45 6.50 18.74
C SER B 500 -16.61 5.75 19.36
N GLU B 501 -17.60 6.50 19.84
CA GLU B 501 -18.81 5.89 20.36
C GLU B 501 -19.98 6.07 19.41
N ALA B 502 -19.69 6.39 18.15
CA ALA B 502 -20.75 6.57 17.13
C ALA B 502 -21.60 5.31 16.99
N VAL B 503 -21.01 4.15 17.18
CA VAL B 503 -21.67 2.87 16.99
C VAL B 503 -21.51 1.94 18.21
N TRP B 504 -20.28 1.81 18.69
CA TRP B 504 -19.98 0.93 19.81
C TRP B 504 -19.67 1.69 21.08
N THR B 505 -20.23 1.24 22.20
N THR B 505 -20.27 1.23 22.19
CA THR B 505 -19.94 1.90 23.47
CA THR B 505 -20.07 1.86 23.50
C THR B 505 -19.63 0.86 24.55
C THR B 505 -19.56 0.86 24.53
N ASN B 506 -19.43 1.32 25.78
CA ASN B 506 -18.95 0.49 26.89
C ASN B 506 -17.53 -0.05 26.67
N TRP B 507 -16.67 0.79 26.10
CA TRP B 507 -15.25 0.49 26.01
C TRP B 507 -14.65 0.38 27.41
N PRO B 508 -13.62 -0.46 27.56
CA PRO B 508 -12.94 -0.49 28.86
C PRO B 508 -12.16 0.79 29.12
N THR B 509 -12.10 1.21 30.38
CA THR B 509 -11.38 2.42 30.79
C THR B 509 -10.72 2.18 32.14
N GLU B 510 -9.96 3.16 32.61
CA GLU B 510 -9.39 3.09 33.96
C GLU B 510 -10.45 2.76 35.03
N LYS B 511 -11.64 3.32 34.88
CA LYS B 511 -12.73 3.15 35.83
C LYS B 511 -13.46 1.81 35.65
N ASN B 512 -13.29 1.19 34.49
CA ASN B 512 -13.88 -0.11 34.22
C ASN B 512 -12.90 -0.95 33.42
N PRO B 513 -11.85 -1.46 34.09
CA PRO B 513 -10.71 -2.04 33.37
C PRO B 513 -10.90 -3.51 33.07
N TYR B 514 -11.95 -3.84 32.34
CA TYR B 514 -12.27 -5.24 32.10
C TYR B 514 -11.39 -5.89 31.02
N ALA B 515 -10.68 -5.05 30.26
CA ALA B 515 -9.76 -5.51 29.24
C ALA B 515 -8.81 -4.38 28.93
N VAL B 516 -7.64 -4.70 28.41
CA VAL B 516 -6.76 -3.66 27.88
C VAL B 516 -6.99 -3.67 26.36
N PRO B 517 -7.58 -2.57 25.84
CA PRO B 517 -8.13 -2.59 24.46
C PRO B 517 -7.07 -2.37 23.40
N ILE B 518 -6.16 -3.34 23.29
CA ILE B 518 -5.06 -3.27 22.33
C ILE B 518 -5.08 -4.53 21.47
N GLY B 519 -5.00 -4.36 20.14
CA GLY B 519 -5.08 -5.48 19.22
C GLY B 519 -3.85 -5.70 18.38
N TRP B 520 -2.75 -5.01 18.72
CA TRP B 520 -1.46 -5.35 18.13
C TRP B 520 -1.18 -6.83 18.34
N ASN B 521 -0.44 -7.45 17.44
CA ASN B 521 -0.02 -8.81 17.71
C ASN B 521 0.74 -8.88 19.03
N GLY B 522 0.35 -9.83 19.85
CA GLY B 522 0.93 -9.98 21.19
C GLY B 522 -0.02 -9.53 22.28
N TRP B 523 -0.97 -8.67 21.95
CA TRP B 523 -1.84 -8.07 22.96
C TRP B 523 -3.20 -8.72 23.11
N TRP B 524 -3.66 -9.48 22.13
CA TRP B 524 -4.92 -10.18 22.28
C TRP B 524 -4.87 -11.08 23.51
N GLN B 525 -3.73 -11.74 23.72
CA GLN B 525 -3.51 -12.63 24.87
C GLN B 525 -3.16 -11.88 26.15
N LEU B 526 -2.97 -10.56 26.05
CA LEU B 526 -2.78 -9.70 27.21
C LEU B 526 -4.10 -9.03 27.61
N THR B 527 -5.18 -9.70 27.21
CA THR B 527 -6.61 -9.43 27.48
C THR B 527 -7.28 -8.53 26.46
N GLY B 528 -6.59 -8.19 25.37
CA GLY B 528 -7.21 -7.47 24.30
C GLY B 528 -8.48 -8.14 23.78
N ILE B 529 -8.47 -9.48 23.73
CA ILE B 529 -9.63 -10.22 23.26
C ILE B 529 -10.90 -9.93 24.06
N LYS B 530 -10.75 -9.63 25.35
N LYS B 530 -10.77 -9.64 25.35
CA LYS B 530 -11.93 -9.43 26.20
CA LYS B 530 -11.97 -9.45 26.17
C LYS B 530 -12.67 -8.15 25.85
C LYS B 530 -12.65 -8.11 25.92
N THR B 531 -12.01 -7.26 25.12
CA THR B 531 -12.65 -6.04 24.63
C THR B 531 -13.93 -6.39 23.88
N LEU B 532 -13.86 -7.47 23.09
CA LEU B 532 -14.93 -7.82 22.18
C LEU B 532 -16.21 -8.30 22.86
N PHE B 533 -16.10 -8.73 24.11
CA PHE B 533 -17.23 -9.29 24.83
C PHE B 533 -17.92 -8.20 25.64
N GLY B 534 -17.25 -7.07 25.84
CA GLY B 534 -17.80 -5.99 26.64
C GLY B 534 -18.45 -4.86 25.88
N ILE B 535 -17.95 -4.55 24.70
CA ILE B 535 -18.50 -3.45 23.94
C ILE B 535 -19.94 -3.76 23.52
N GLU B 536 -20.73 -2.71 23.41
CA GLU B 536 -22.14 -2.85 23.09
C GLU B 536 -22.53 -1.96 21.94
N ALA B 537 -23.38 -2.49 21.05
CA ALA B 537 -23.85 -1.70 19.93
C ALA B 537 -24.84 -0.66 20.41
N LYS B 538 -24.66 0.57 19.95
CA LYS B 538 -25.67 1.63 20.12
C LYS B 538 -26.97 1.19 19.45
N HIS B 539 -28.03 1.08 20.23
CA HIS B 539 -29.34 0.67 19.73
C HIS B 539 -29.26 -0.68 19.03
C1 BMA C . 4.85 3.00 -32.95
C2 BMA C . 4.37 4.34 -32.39
C3 BMA C . 4.53 4.42 -30.92
C4 BMA C . 3.94 3.23 -30.21
C5 BMA C . 4.51 1.94 -30.78
C6 BMA C . 3.95 0.70 -30.15
O1 BMA C . 4.58 2.82 -34.32
O2 BMA C . 2.97 4.52 -32.69
O3 BMA C . 3.95 5.67 -30.39
O4 BMA C . 4.29 3.33 -28.82
O5 BMA C . 4.23 1.87 -32.22
O6 BMA C . 2.55 0.71 -30.29
C1 BMA C . 3.12 3.26 -28.01
C2 BMA C . 3.52 2.94 -26.58
C3 BMA C . 2.33 2.89 -25.70
C4 BMA C . 1.47 4.14 -25.84
C5 BMA C . 1.16 4.39 -27.29
C6 BMA C . 0.39 5.67 -27.44
O2 BMA C . 4.45 3.96 -26.12
O3 BMA C . 2.77 2.68 -24.34
O4 BMA C . 0.21 3.89 -25.21
O5 BMA C . 2.39 4.52 -28.06
O6 BMA C . 1.28 6.70 -27.12
C1 BMA C . 0.18 4.36 -23.87
C2 BMA C . -1.07 5.15 -23.67
C3 BMA C . -1.20 5.59 -22.26
C4 BMA C . -1.14 4.44 -21.28
C5 BMA C . 0.04 3.51 -21.52
C6 BMA C . -0.24 2.21 -20.80
O2 BMA C . -2.18 4.29 -23.98
O3 BMA C . -2.46 6.29 -22.15
O4 BMA C . -0.99 4.90 -19.91
O5 BMA C . 0.21 3.21 -22.96
O6 BMA C . -1.29 1.49 -21.45
C1 BMA C . -2.27 4.79 -19.28
C2 BMA C . -2.13 4.62 -17.79
C3 BMA C . -3.48 4.59 -17.14
C4 BMA C . -4.43 5.66 -17.62
C5 BMA C . -4.43 5.86 -19.12
C6 BMA C . -5.22 7.05 -19.57
O2 BMA C . -1.40 5.76 -17.28
O3 BMA C . -3.32 4.65 -15.71
O4 BMA C . -5.78 5.21 -17.37
O5 BMA C . -3.06 5.96 -19.63
O6 BMA C . -5.07 8.21 -18.76
C1 BMA C . -6.45 6.01 -16.38
C2 BMA C . -7.92 5.62 -16.34
C3 BMA C . -8.57 6.39 -15.25
C4 BMA C . -7.87 6.14 -13.93
C5 BMA C . -6.40 6.57 -14.04
C6 BMA C . -5.63 6.37 -12.78
O2 BMA C . -8.02 4.21 -16.04
O3 BMA C . -9.99 6.02 -15.18
O4 BMA C . -8.44 6.97 -12.91
O5 BMA C . -5.79 5.78 -15.11
O6 BMA C . -4.26 6.79 -12.96
C1 BMA C . -9.11 6.18 -11.94
C2 BMA C . -9.41 7.03 -10.73
C3 BMA C . -10.20 6.26 -9.73
C4 BMA C . -11.42 5.62 -10.36
C5 BMA C . -11.01 4.81 -11.58
C6 BMA C . -12.11 4.12 -12.33
O2 BMA C . -10.18 8.17 -11.16
O3 BMA C . -10.58 7.13 -8.64
O4 BMA C . -12.07 4.75 -9.43
O5 BMA C . -10.35 5.69 -12.51
O6 BMA C . -13.10 5.02 -12.80
C1 BMA D . 14.60 -18.93 22.24
C2 BMA D . 13.98 -18.10 23.35
C3 BMA D . 12.52 -17.90 23.11
C4 BMA D . 12.23 -17.36 21.74
C5 BMA D . 12.84 -18.28 20.70
C6 BMA D . 12.54 -17.78 19.31
O1 BMA D . 15.99 -18.95 22.36
O2 BMA D . 14.64 -16.81 23.42
O3 BMA D . 11.97 -17.03 24.14
O4 BMA D . 10.83 -17.41 21.46
O5 BMA D . 14.28 -18.41 20.90
O6 BMA D . 13.08 -16.50 19.14
C1 BMA D . 10.23 -16.19 21.62
C2 BMA D . 10.32 -15.13 20.55
C3 BMA D . 9.55 -13.88 20.87
C4 BMA D . 8.11 -14.11 21.25
C5 BMA D . 8.15 -15.15 22.36
C6 BMA D . 6.80 -15.57 22.87
O2 BMA D . 9.71 -15.64 19.40
O3 BMA D . 9.69 -13.09 19.67
O4 BMA D . 7.49 -12.93 21.76
O5 BMA D . 8.82 -16.34 21.89
O6 BMA D . 6.92 -16.47 23.97
C1 BMA D . 6.82 -12.20 20.96
C1 BMA D . 6.65 -12.17 20.85
C2 BMA D . 5.82 -11.27 21.62
C2 BMA D . 5.68 -11.24 21.60
C3 BMA D . 5.07 -10.45 20.59
C3 BMA D . 4.94 -10.34 20.60
C4 BMA D . 5.99 -9.73 19.63
C4 BMA D . 5.91 -9.72 19.61
C5 BMA D . 7.01 -10.70 19.04
C5 BMA D . 6.82 -10.79 19.04
C6 BMA D . 8.02 -9.92 18.26
C6 BMA D . 7.87 -10.25 18.13
O2 BMA D . 6.47 -10.38 22.55
O2 BMA D . 6.44 -10.45 22.47
O3 BMA D . 4.20 -9.50 21.25
O3 BMA D . 4.24 -9.31 21.30
O4 BMA D . 5.27 -9.17 18.53
O4 BMA D . 5.22 -9.13 18.53
O5 BMA D . 7.70 -11.47 20.05
O5 BMA D . 7.48 -11.41 20.06
O6 BMA D . 8.54 -10.76 17.22
O6 BMA D . 8.53 -9.33 18.93
C1 BMA D . 5.32 -7.72 18.49
C2 BMA D . 4.94 -7.17 17.17
C3 BMA D . 5.05 -5.68 17.16
C4 BMA D . 4.34 -5.05 18.33
C5 BMA D . 4.62 -5.75 19.66
C6 BMA D . 3.68 -5.32 20.75
O2 BMA D . 3.57 -7.54 16.94
O3 BMA D . 4.50 -5.18 15.92
O4 BMA D . 4.85 -3.72 18.46
O5 BMA D . 4.46 -7.18 19.53
O6 BMA D . 2.33 -5.59 20.34
C1 BMA D . 3.80 -2.78 18.30
C2 BMA D . 4.33 -1.44 18.73
C3 BMA D . 3.27 -0.42 18.51
C4 BMA D . 2.87 -0.37 17.07
C5 BMA D . 2.38 -1.74 16.63
C6 BMA D . 2.07 -1.78 15.15
O2 BMA D . 5.46 -1.14 17.90
O3 BMA D . 3.76 0.87 18.98
O4 BMA D . 1.76 0.51 16.90
O5 BMA D . 3.40 -2.74 16.89
O6 BMA D . 1.55 -3.08 14.84
C1 BMA D . 2.12 1.66 16.14
C2 BMA D . 0.89 2.46 15.77
C3 BMA D . 1.26 3.77 15.10
C4 BMA D . 2.26 4.56 15.90
C5 BMA D . 3.46 3.65 16.25
C6 BMA D . 4.55 4.30 17.05
O2 BMA D . 0.10 2.72 16.97
O3 BMA D . 0.07 4.55 14.88
O4 BMA D . 2.72 5.71 15.14
O5 BMA D . 3.03 2.47 16.97
O6 BMA D . 4.06 4.81 18.30
MG MG E . -21.81 25.34 -6.55
MG MG F . -23.45 -26.78 -12.76
N NO3 G . 16.05 26.20 -16.91
O1 NO3 G . 15.28 26.43 -17.74
O2 NO3 G . 17.36 26.58 -16.89
O3 NO3 G . 15.68 25.48 -15.84
N NO3 H . 16.31 21.35 -9.13
O1 NO3 H . 16.47 22.48 -8.71
O2 NO3 H . 16.73 20.26 -8.43
O3 NO3 H . 15.75 21.19 -10.36
MG MG I . 33.97 18.20 11.13
N NO3 J . -4.67 5.49 3.04
O1 NO3 J . -5.13 5.89 2.00
O2 NO3 J . -5.30 4.50 3.72
O3 NO3 J . -3.69 6.19 3.63
#